data_9J3Z
#
_entry.id   9J3Z
#
_cell.length_a   1.00
_cell.length_b   1.00
_cell.length_c   1.00
_cell.angle_alpha   90.00
_cell.angle_beta   90.00
_cell.angle_gamma   90.00
#
_symmetry.space_group_name_H-M   'P 1'
#
loop_
_entity.id
_entity.type
_entity.pdbx_description
1 polymer 'Lysosomal cholesterol signaling protein,G protein-coupled receptor 155 fusion protein'
2 non-polymer '(2S)-3-(hexadecanoyloxy)-2-[(9Z)-octadec-9-enoyloxy]propyl 2-(trimethylammonio)ethyl phosphate'
3 non-polymer 2-acetamido-2-deoxy-beta-D-glucopyranose
#
_entity_poly.entity_id   1
_entity_poly.type   'polypeptide(L)'
_entity_poly.pdbx_seq_one_letter_code
;MNSNLPAENLTIAVNMTKTLPTAVTHGFNSTNDPPSMSITRLFPALLECFGIVLCGYIAGRANVITSTQAKGLGNFVSRF
ALPALLFKNMVVLNFSNVDWSFLYSILIAKASVFFIVCVLTLLVASPDSRFSKAGLFPIFATQSNDFALGYPIVEALYQT
TYPEYLQYIYLVAPISLMMLNPIGFIFCEIQKWKDTQNASQNKIKIVGLGLLRVLQNPIVFMVFIGIAFNFILDRKVPVY
VENFLDGLGNSFSGSALFYLGLTMVGKIKRLKKSAFVVLILLITAKLLVLPLLCREMVELLDKGDSVVNHTSLSNYAFLY
GVFPVAPGVAIFATQFNMEVEIITSGMVISTFVSAPIMYVSAWLLTFPTMDPKPLAYAIQNVSFDISIVSLISLIWSLAI
LLLSKKYKQLPHMLTTNLLIAQSIVCAGMMIWNFVKEKNFVGQILVFVLLYSSLYSTYLWTGLLAISLFLLKKRERVQIP
VGIIIISGWGIPALLVGVLLITGKHNGDSIDSAFFYGKEQMITTAVTLFCSILIAGISLMCMNQTAQAGSYEGFDQSQSH
KVVEPGNTAFEESPAPVNEPELFTSSIPETSCCSCSMGNGELHCPSIEPIANTSTSEPVIPSFEKNNHCVSRCNSQSCIL
AQEEEQYLQSGDQQLTRHVLLCLLLIIGLFANLSSCLWWLFNQEPGRLYVELQFFCAVFNFGQGFISFGIFGLDKHLIIL
PFKRRLEFLWNNKDTAENRDSPVSEEIKMTCQQFIHYHRDLCIRNIVKERRCGAKTSAGTFCGCDLVSWLIEVGLASDRG
EAVIYGDRLVQGGVIQHITNEYEFRDEYLFYRFLQKSPEQSPPAINANTLQQERYKEIEHSSPPSHSPKT
;
_entity_poly.pdbx_strand_id   A,B
#
loop_
_chem_comp.id
_chem_comp.type
_chem_comp.name
_chem_comp.formula
NAG D-saccharide, beta linking 2-acetamido-2-deoxy-beta-D-glucopyranose 'C8 H15 N O6'
POV non-polymer '(2S)-3-(hexadecanoyloxy)-2-[(9Z)-octadec-9-enoyloxy]propyl 2-(trimethylammonio)ethyl phosphate' 'C42 H82 N O8 P'
#
# COMPACT_ATOMS: atom_id res chain seq x y z
N PRO A 35 -32.74 2.67 -7.27
CA PRO A 35 -32.15 3.93 -6.83
C PRO A 35 -31.08 4.44 -7.79
N SER A 36 -30.34 3.52 -8.42
CA SER A 36 -29.34 3.77 -9.44
C SER A 36 -28.13 4.55 -8.92
N MET A 37 -28.02 4.74 -7.60
CA MET A 37 -26.87 5.38 -6.99
C MET A 37 -26.83 5.01 -5.51
N SER A 38 -25.77 4.32 -5.10
CA SER A 38 -25.63 3.90 -3.70
C SER A 38 -24.92 5.01 -2.91
N ILE A 39 -25.68 6.09 -2.69
CA ILE A 39 -25.17 7.35 -2.16
C ILE A 39 -24.95 7.34 -0.65
N THR A 40 -25.48 6.33 0.06
CA THR A 40 -25.22 6.21 1.50
C THR A 40 -23.75 5.99 1.81
N ARG A 41 -23.03 5.21 1.01
CA ARG A 41 -21.64 4.88 1.32
C ARG A 41 -20.65 5.71 0.51
N LEU A 42 -20.96 6.97 0.21
CA LEU A 42 -20.00 7.88 -0.39
C LEU A 42 -19.13 8.56 0.65
N PHE A 43 -19.73 9.02 1.74
CA PHE A 43 -18.99 9.72 2.78
C PHE A 43 -17.87 8.90 3.44
N PRO A 44 -18.01 7.59 3.69
CA PRO A 44 -16.81 6.83 4.10
C PRO A 44 -15.68 6.82 3.09
N ALA A 45 -15.98 6.83 1.79
CA ALA A 45 -14.91 6.90 0.80
C ALA A 45 -14.20 8.25 0.82
N LEU A 46 -14.94 9.34 0.94
CA LEU A 46 -14.31 10.65 1.08
C LEU A 46 -13.60 10.81 2.42
N LEU A 47 -14.02 10.04 3.42
CA LEU A 47 -13.30 10.04 4.69
C LEU A 47 -11.99 9.30 4.56
N GLU A 48 -11.97 8.17 3.87
CA GLU A 48 -10.72 7.45 3.66
C GLU A 48 -9.78 8.30 2.81
N CYS A 49 -10.31 8.85 1.72
CA CYS A 49 -9.49 9.48 0.70
C CYS A 49 -8.91 10.79 1.19
N PHE A 50 -9.56 11.43 2.17
CA PHE A 50 -8.98 12.65 2.69
C PHE A 50 -8.39 12.47 4.07
N GLY A 51 -8.68 11.38 4.77
CA GLY A 51 -7.98 11.09 6.00
C GLY A 51 -6.57 10.60 5.75
N ILE A 52 -6.36 9.82 4.68
CA ILE A 52 -5.00 9.43 4.35
C ILE A 52 -4.19 10.64 3.87
N VAL A 53 -4.85 11.55 3.14
CA VAL A 53 -4.20 12.80 2.74
C VAL A 53 -3.86 13.65 3.95
N LEU A 54 -4.75 13.70 4.93
CA LEU A 54 -4.50 14.43 6.16
C LEU A 54 -3.36 13.79 6.95
N CYS A 55 -3.29 12.46 6.97
CA CYS A 55 -2.18 11.78 7.63
C CYS A 55 -0.85 12.11 6.97
N GLY A 56 -0.83 12.15 5.64
CA GLY A 56 0.38 12.54 4.94
C GLY A 56 0.77 13.98 5.23
N TYR A 57 -0.22 14.86 5.32
CA TYR A 57 0.06 16.27 5.64
C TYR A 57 0.59 16.42 7.06
N ILE A 58 0.03 15.66 8.02
CA ILE A 58 0.50 15.72 9.39
C ILE A 58 1.94 15.22 9.48
N ALA A 59 2.24 14.12 8.78
CA ALA A 59 3.61 13.61 8.79
C ALA A 59 4.57 14.57 8.11
N GLY A 60 4.10 15.28 7.08
CA GLY A 60 4.94 16.28 6.43
C GLY A 60 5.23 17.49 7.28
N ARG A 61 4.21 18.05 7.93
CA ARG A 61 4.40 19.28 8.69
C ARG A 61 5.12 19.05 10.01
N ALA A 62 4.87 17.91 10.67
CA ALA A 62 5.47 17.62 11.97
C ALA A 62 6.99 17.70 11.96
N ASN A 63 7.62 16.77 11.21
CA ASN A 63 9.05 16.59 10.91
C ASN A 63 9.33 15.09 10.80
N VAL A 64 8.26 14.29 10.72
CA VAL A 64 8.42 12.84 10.67
C VAL A 64 9.11 12.42 9.37
N ILE A 65 8.65 12.96 8.25
CA ILE A 65 9.23 12.67 6.95
C ILE A 65 9.59 13.99 6.29
N THR A 66 10.87 14.19 5.99
CA THR A 66 11.35 15.42 5.41
C THR A 66 11.03 15.44 3.91
N SER A 67 11.54 16.42 3.18
CA SER A 67 11.22 16.53 1.75
C SER A 67 11.92 15.45 0.94
N THR A 68 13.18 15.16 1.28
CA THR A 68 13.95 14.16 0.52
C THR A 68 13.39 12.77 0.71
N GLN A 69 12.95 12.45 1.93
CA GLN A 69 12.39 11.14 2.17
C GLN A 69 11.00 11.01 1.56
N ALA A 70 10.23 12.11 1.55
CA ALA A 70 8.98 12.08 0.80
C ALA A 70 9.23 11.92 -0.69
N LYS A 71 10.37 12.43 -1.17
CA LYS A 71 10.77 12.21 -2.55
C LYS A 71 11.05 10.74 -2.81
N GLY A 72 11.64 10.04 -1.85
CA GLY A 72 11.85 8.60 -2.00
C GLY A 72 10.57 7.80 -1.99
N LEU A 73 9.63 8.16 -1.11
CA LEU A 73 8.32 7.51 -1.13
C LEU A 73 7.59 7.77 -2.44
N GLY A 74 7.69 8.98 -2.97
CA GLY A 74 7.07 9.26 -4.26
C GLY A 74 7.75 8.53 -5.40
N ASN A 75 9.07 8.33 -5.31
CA ASN A 75 9.77 7.54 -6.31
C ASN A 75 9.27 6.10 -6.32
N PHE A 76 9.09 5.52 -5.13
CA PHE A 76 8.52 4.19 -5.03
C PHE A 76 7.12 4.13 -5.63
N VAL A 77 6.26 5.09 -5.26
CA VAL A 77 4.87 5.04 -5.69
C VAL A 77 4.78 5.20 -7.21
N SER A 78 5.51 6.17 -7.75
CA SER A 78 5.43 6.53 -9.15
C SER A 78 6.22 5.61 -10.06
N ARG A 79 7.08 4.76 -9.52
CA ARG A 79 7.84 3.87 -10.37
C ARG A 79 7.49 2.41 -10.16
N PHE A 80 6.72 2.07 -9.12
CA PHE A 80 6.33 0.68 -8.97
C PHE A 80 4.83 0.47 -8.80
N ALA A 81 4.13 1.34 -8.04
CA ALA A 81 2.77 1.00 -7.66
C ALA A 81 1.79 1.26 -8.80
N LEU A 82 1.90 2.42 -9.45
CA LEU A 82 0.99 2.74 -10.55
C LEU A 82 1.10 1.83 -11.76
N PRO A 83 2.29 1.49 -12.28
CA PRO A 83 2.32 0.52 -13.40
C PRO A 83 1.75 -0.85 -13.11
N ALA A 84 1.92 -1.40 -11.91
CA ALA A 84 1.31 -2.70 -11.61
C ALA A 84 -0.20 -2.62 -11.56
N LEU A 85 -0.73 -1.54 -10.98
CA LEU A 85 -2.18 -1.32 -10.93
C LEU A 85 -2.77 -1.19 -12.33
N LEU A 86 -2.12 -0.36 -13.17
CA LEU A 86 -2.60 -0.18 -14.54
C LEU A 86 -2.50 -1.48 -15.33
N PHE A 87 -1.41 -2.24 -15.17
CA PHE A 87 -1.25 -3.47 -15.92
C PHE A 87 -2.30 -4.50 -15.54
N LYS A 88 -2.60 -4.62 -14.25
CA LYS A 88 -3.64 -5.54 -13.82
C LYS A 88 -5.01 -5.11 -14.36
N ASN A 89 -5.36 -3.82 -14.20
CA ASN A 89 -6.71 -3.42 -14.57
C ASN A 89 -6.91 -3.36 -16.08
N MET A 90 -5.85 -3.28 -16.88
CA MET A 90 -6.05 -3.41 -18.32
C MET A 90 -5.90 -4.83 -18.83
N VAL A 91 -5.24 -5.72 -18.08
CA VAL A 91 -5.26 -7.12 -18.48
C VAL A 91 -6.64 -7.70 -18.24
N VAL A 92 -7.26 -7.36 -17.11
CA VAL A 92 -8.59 -7.89 -16.81
C VAL A 92 -9.72 -7.09 -17.45
N LEU A 93 -9.40 -6.12 -18.30
CA LEU A 93 -10.43 -5.23 -18.85
C LEU A 93 -11.21 -5.92 -19.96
N ASN A 94 -12.53 -5.73 -19.95
CA ASN A 94 -13.44 -6.35 -20.89
C ASN A 94 -13.93 -5.32 -21.90
N PHE A 95 -13.53 -5.48 -23.15
CA PHE A 95 -13.93 -4.59 -24.23
C PHE A 95 -15.33 -4.88 -24.76
N SER A 96 -15.95 -5.99 -24.36
CA SER A 96 -17.26 -6.34 -24.89
C SER A 96 -18.38 -5.53 -24.26
N ASN A 97 -18.24 -5.12 -23.01
CA ASN A 97 -19.31 -4.42 -22.31
C ASN A 97 -19.06 -2.93 -22.17
N VAL A 98 -18.10 -2.38 -22.91
CA VAL A 98 -17.80 -0.96 -22.79
C VAL A 98 -18.72 -0.16 -23.68
N ASP A 99 -19.48 0.74 -23.08
CA ASP A 99 -20.32 1.70 -23.81
C ASP A 99 -19.42 2.87 -24.20
N TRP A 100 -19.02 2.89 -25.47
CA TRP A 100 -18.07 3.88 -25.97
C TRP A 100 -18.66 5.29 -26.03
N SER A 101 -20.00 5.40 -26.07
CA SER A 101 -20.63 6.71 -26.21
C SER A 101 -20.30 7.63 -25.05
N PHE A 102 -20.37 7.11 -23.82
CA PHE A 102 -19.95 7.87 -22.66
C PHE A 102 -18.48 8.27 -22.76
N LEU A 103 -17.64 7.37 -23.26
CA LEU A 103 -16.21 7.64 -23.31
C LEU A 103 -15.90 8.78 -24.28
N TYR A 104 -16.41 8.74 -25.50
CA TYR A 104 -15.99 9.85 -26.34
C TYR A 104 -16.82 11.10 -26.08
N SER A 105 -17.98 11.00 -25.42
CA SER A 105 -18.65 12.23 -24.98
C SER A 105 -17.84 12.94 -23.89
N ILE A 106 -17.36 12.18 -22.91
CA ILE A 106 -16.51 12.76 -21.87
C ILE A 106 -15.21 13.30 -22.47
N LEU A 107 -14.61 12.59 -23.44
CA LEU A 107 -13.41 13.13 -24.08
C LEU A 107 -13.70 14.37 -24.92
N ILE A 108 -14.86 14.46 -25.58
CA ILE A 108 -15.20 15.68 -26.30
C ILE A 108 -15.38 16.84 -25.33
N ALA A 109 -15.98 16.57 -24.16
CA ALA A 109 -16.12 17.60 -23.13
C ALA A 109 -14.77 18.09 -22.62
N LYS A 110 -13.85 17.16 -22.34
CA LYS A 110 -12.53 17.56 -21.86
C LYS A 110 -11.76 18.32 -22.94
N ALA A 111 -11.92 17.91 -24.20
CA ALA A 111 -11.28 18.61 -25.30
C ALA A 111 -11.83 20.02 -25.45
N SER A 112 -13.15 20.18 -25.27
CA SER A 112 -13.75 21.51 -25.34
C SER A 112 -13.27 22.41 -24.21
N VAL A 113 -13.17 21.88 -22.99
CA VAL A 113 -12.66 22.70 -21.87
C VAL A 113 -11.23 23.12 -22.13
N PHE A 114 -10.40 22.19 -22.61
CA PHE A 114 -9.01 22.50 -22.96
C PHE A 114 -8.96 23.56 -24.04
N PHE A 115 -9.83 23.44 -25.05
CA PHE A 115 -9.84 24.37 -26.17
C PHE A 115 -10.20 25.78 -25.70
N ILE A 116 -11.23 25.93 -24.89
CA ILE A 116 -11.61 27.29 -24.50
C ILE A 116 -10.55 27.89 -23.56
N VAL A 117 -10.00 27.07 -22.66
CA VAL A 117 -9.01 27.60 -21.73
C VAL A 117 -7.72 28.01 -22.46
N CYS A 118 -7.27 27.21 -23.44
CA CYS A 118 -6.11 27.63 -24.23
C CYS A 118 -6.39 28.89 -25.04
N VAL A 119 -7.59 29.05 -25.59
CA VAL A 119 -7.86 30.24 -26.42
C VAL A 119 -7.84 31.50 -25.56
N LEU A 120 -8.54 31.48 -24.43
CA LEU A 120 -8.55 32.70 -23.63
C LEU A 120 -7.21 32.91 -22.93
N THR A 121 -6.45 31.83 -22.73
CA THR A 121 -5.09 32.02 -22.22
C THR A 121 -4.19 32.69 -23.27
N LEU A 122 -4.43 32.42 -24.57
CA LEU A 122 -3.66 33.15 -25.60
C LEU A 122 -4.10 34.60 -25.69
N LEU A 123 -5.39 34.90 -25.58
CA LEU A 123 -5.80 36.30 -25.70
C LEU A 123 -5.38 37.13 -24.49
N VAL A 124 -5.63 36.65 -23.26
CA VAL A 124 -5.63 37.59 -22.14
C VAL A 124 -4.28 37.63 -21.42
N ALA A 125 -3.35 36.73 -21.72
CA ALA A 125 -2.08 36.73 -21.04
C ALA A 125 -1.12 37.74 -21.67
N SER A 126 -0.06 38.05 -20.94
CA SER A 126 0.95 38.99 -21.42
C SER A 126 1.77 38.35 -22.53
N PRO A 127 2.21 39.15 -23.52
CA PRO A 127 2.98 38.57 -24.63
C PRO A 127 4.31 37.95 -24.22
N ASP A 128 4.91 38.41 -23.13
CA ASP A 128 6.21 37.89 -22.72
C ASP A 128 6.11 36.48 -22.14
N SER A 129 4.91 36.08 -21.69
CA SER A 129 4.74 34.76 -21.10
C SER A 129 3.42 34.13 -21.52
N ARG A 130 2.92 34.45 -22.70
CA ARG A 130 1.64 33.88 -23.15
C ARG A 130 1.79 32.40 -23.45
N PHE A 131 2.97 31.96 -23.87
CA PHE A 131 3.14 30.59 -24.31
C PHE A 131 3.31 29.64 -23.13
N SER A 132 4.01 30.09 -22.08
CA SER A 132 4.15 29.27 -20.88
C SER A 132 2.81 29.04 -20.20
N LYS A 133 2.00 30.10 -20.08
CA LYS A 133 0.68 29.96 -19.50
C LYS A 133 -0.24 29.13 -20.38
N ALA A 134 -0.16 29.34 -21.71
CA ALA A 134 -0.99 28.57 -22.63
C ALA A 134 -0.57 27.10 -22.70
N GLY A 135 0.65 26.78 -22.27
CA GLY A 135 1.03 25.39 -22.25
C GLY A 135 0.85 24.69 -20.91
N LEU A 136 0.80 25.44 -19.82
CA LEU A 136 0.67 24.80 -18.52
C LEU A 136 -0.69 24.94 -17.87
N PHE A 137 -1.39 26.06 -18.07
CA PHE A 137 -2.73 26.24 -17.49
C PHE A 137 -3.79 25.27 -18.02
N PRO A 138 -3.92 25.00 -19.32
CA PRO A 138 -4.92 24.01 -19.75
C PRO A 138 -4.63 22.58 -19.35
N ILE A 139 -3.36 22.22 -19.13
CA ILE A 139 -3.07 20.92 -18.53
C ILE A 139 -3.55 20.89 -17.09
N PHE A 140 -3.39 22.00 -16.38
CA PHE A 140 -3.87 22.08 -15.00
C PHE A 140 -5.39 21.99 -14.96
N ALA A 141 -6.07 22.60 -15.92
CA ALA A 141 -7.52 22.66 -15.92
C ALA A 141 -8.16 21.52 -16.70
N THR A 142 -7.38 20.55 -17.19
CA THR A 142 -7.93 19.44 -17.95
C THR A 142 -7.51 18.07 -17.42
N GLN A 143 -6.48 17.98 -16.58
CA GLN A 143 -6.03 16.70 -16.07
C GLN A 143 -6.55 16.47 -14.66
N SER A 144 -7.02 15.25 -14.40
CA SER A 144 -7.64 14.91 -13.13
C SER A 144 -6.80 13.93 -12.34
N ASN A 145 -7.06 13.88 -11.03
CA ASN A 145 -6.44 12.92 -10.13
C ASN A 145 -7.32 11.67 -10.05
N ASP A 146 -7.23 10.86 -11.11
CA ASP A 146 -8.18 9.75 -11.26
C ASP A 146 -7.76 8.54 -10.43
N PHE A 147 -6.52 8.07 -10.62
CA PHE A 147 -6.11 6.79 -10.03
C PHE A 147 -5.95 6.88 -8.52
N ALA A 148 -5.64 8.07 -8.01
CA ALA A 148 -5.41 8.21 -6.57
C ALA A 148 -6.69 8.49 -5.82
N LEU A 149 -7.46 9.48 -6.27
CA LEU A 149 -8.66 9.94 -5.58
C LEU A 149 -9.95 9.45 -6.20
N GLY A 150 -10.05 9.44 -7.53
CA GLY A 150 -11.31 9.09 -8.17
C GLY A 150 -11.69 7.63 -8.03
N TYR A 151 -10.72 6.73 -8.11
CA TYR A 151 -11.02 5.29 -8.08
C TYR A 151 -11.64 4.76 -6.78
N PRO A 152 -11.19 5.14 -5.57
CA PRO A 152 -11.92 4.64 -4.39
C PRO A 152 -13.32 5.19 -4.24
N ILE A 153 -13.56 6.43 -4.64
CA ILE A 153 -14.89 7.02 -4.52
C ILE A 153 -15.85 6.38 -5.51
N VAL A 154 -15.42 6.18 -6.75
CA VAL A 154 -16.24 5.49 -7.74
C VAL A 154 -16.44 4.04 -7.34
N GLU A 155 -15.41 3.43 -6.73
CA GLU A 155 -15.55 2.07 -6.23
C GLU A 155 -16.61 1.98 -5.14
N ALA A 156 -16.66 2.98 -4.25
CA ALA A 156 -17.68 2.95 -3.21
C ALA A 156 -19.06 3.18 -3.79
N LEU A 157 -19.17 4.10 -4.75
CA LEU A 157 -20.48 4.44 -5.29
C LEU A 157 -21.02 3.44 -6.30
N TYR A 158 -20.19 2.57 -6.88
CA TYR A 158 -20.62 1.80 -8.04
C TYR A 158 -20.16 0.36 -7.99
N GLN A 159 -20.00 -0.20 -6.79
CA GLN A 159 -19.81 -1.64 -6.64
C GLN A 159 -21.12 -2.41 -6.59
N THR A 160 -22.13 -1.84 -5.96
CA THR A 160 -23.30 -2.65 -5.59
C THR A 160 -24.30 -2.74 -6.73
N THR A 161 -24.60 -1.63 -7.39
CA THR A 161 -25.68 -1.64 -8.37
C THR A 161 -25.18 -1.63 -9.82
N TYR A 162 -24.16 -0.83 -10.13
CA TYR A 162 -23.67 -0.67 -11.51
C TYR A 162 -22.17 -0.89 -11.51
N PRO A 163 -21.72 -2.15 -11.54
CA PRO A 163 -20.28 -2.45 -11.41
C PRO A 163 -19.45 -2.20 -12.65
N GLU A 164 -20.05 -1.94 -13.82
CA GLU A 164 -19.28 -1.76 -15.04
C GLU A 164 -18.70 -0.36 -15.20
N TYR A 165 -19.02 0.57 -14.29
CA TYR A 165 -18.51 1.92 -14.38
C TYR A 165 -17.11 2.07 -13.78
N LEU A 166 -16.57 1.01 -13.19
CA LEU A 166 -15.25 1.12 -12.57
C LEU A 166 -14.14 1.16 -13.61
N GLN A 167 -14.35 0.53 -14.76
CA GLN A 167 -13.34 0.48 -15.80
C GLN A 167 -13.23 1.77 -16.59
N TYR A 168 -14.22 2.65 -16.50
CA TYR A 168 -14.15 3.90 -17.25
C TYR A 168 -13.07 4.85 -16.73
N ILE A 169 -12.63 4.70 -15.49
CA ILE A 169 -11.51 5.53 -15.02
C ILE A 169 -10.24 5.17 -15.77
N TYR A 170 -9.90 3.89 -15.78
CA TYR A 170 -8.73 3.38 -16.48
C TYR A 170 -8.87 3.44 -17.99
N LEU A 171 -10.10 3.54 -18.50
CA LEU A 171 -10.25 3.79 -19.93
C LEU A 171 -10.11 5.26 -20.29
N VAL A 172 -10.68 6.18 -19.52
CA VAL A 172 -10.80 7.57 -19.94
C VAL A 172 -9.53 8.35 -19.60
N ALA A 173 -9.00 8.18 -18.39
CA ALA A 173 -7.85 8.99 -17.98
C ALA A 173 -6.60 8.84 -18.84
N PRO A 174 -6.15 7.64 -19.25
CA PRO A 174 -4.97 7.61 -20.12
C PRO A 174 -5.22 8.04 -21.56
N ILE A 175 -6.40 7.78 -22.12
CA ILE A 175 -6.69 8.28 -23.46
C ILE A 175 -6.81 9.79 -23.44
N SER A 176 -7.41 10.35 -22.39
CA SER A 176 -7.46 11.80 -22.25
C SER A 176 -6.06 12.38 -22.13
N LEU A 177 -5.20 11.72 -21.35
CA LEU A 177 -3.80 12.15 -21.25
C LEU A 177 -3.12 12.13 -22.61
N MET A 178 -3.22 11.02 -23.33
CA MET A 178 -2.53 10.87 -24.61
C MET A 178 -3.09 11.80 -25.68
N MET A 179 -4.38 12.11 -25.63
CA MET A 179 -4.93 12.93 -26.71
C MET A 179 -5.02 14.41 -26.35
N LEU A 180 -4.75 14.80 -25.11
CA LEU A 180 -4.79 16.21 -24.76
C LEU A 180 -3.45 16.77 -24.28
N ASN A 181 -2.64 15.99 -23.58
CA ASN A 181 -1.37 16.48 -23.07
C ASN A 181 -0.35 16.88 -24.12
N PRO A 182 -0.18 16.19 -25.26
CA PRO A 182 0.85 16.63 -26.24
C PRO A 182 0.64 18.03 -26.75
N ILE A 183 -0.60 18.50 -26.85
CA ILE A 183 -0.84 19.86 -27.29
C ILE A 183 -0.26 20.86 -26.28
N GLY A 184 -0.42 20.56 -24.98
CA GLY A 184 0.20 21.42 -23.98
C GLY A 184 1.72 21.34 -24.03
N PHE A 185 2.29 20.13 -24.17
CA PHE A 185 3.76 20.10 -24.19
C PHE A 185 4.29 20.76 -25.46
N ILE A 186 3.53 20.72 -26.56
CA ILE A 186 3.90 21.48 -27.76
C ILE A 186 3.96 22.96 -27.45
N PHE A 187 2.97 23.46 -26.69
CA PHE A 187 2.95 24.88 -26.36
C PHE A 187 4.10 25.23 -25.41
N CYS A 188 4.37 24.36 -24.43
CA CYS A 188 5.49 24.62 -23.55
C CYS A 188 6.82 24.52 -24.29
N GLU A 189 6.91 23.65 -25.30
CA GLU A 189 8.15 23.58 -26.07
C GLU A 189 8.33 24.74 -27.04
N ILE A 190 7.25 25.35 -27.54
CA ILE A 190 7.43 26.59 -28.30
C ILE A 190 7.92 27.69 -27.34
N GLN A 191 7.40 27.72 -26.11
CA GLN A 191 7.88 28.70 -25.14
C GLN A 191 9.34 28.43 -24.76
N LYS A 192 9.74 27.16 -24.69
CA LYS A 192 11.14 26.85 -24.46
C LYS A 192 11.99 27.25 -25.66
N TRP A 193 11.41 27.15 -26.87
CA TRP A 193 12.13 27.61 -28.04
C TRP A 193 12.28 29.12 -27.97
N LYS A 194 11.28 29.80 -27.39
CA LYS A 194 11.29 31.25 -27.31
C LYS A 194 12.46 31.64 -26.44
N ASP A 195 12.65 30.88 -25.36
CA ASP A 195 13.72 31.13 -24.41
C ASP A 195 15.07 30.85 -25.05
N THR A 196 15.19 29.81 -25.87
CA THR A 196 16.46 29.53 -26.53
C THR A 196 16.77 30.56 -27.62
N GLN A 197 15.74 31.17 -28.20
CA GLN A 197 15.80 32.13 -29.33
C GLN A 197 16.81 31.71 -30.40
N ASN A 198 16.55 30.55 -31.00
CA ASN A 198 17.42 30.01 -32.04
C ASN A 198 17.04 30.46 -33.45
N ALA A 199 15.75 30.54 -33.75
CA ALA A 199 15.22 30.97 -35.05
C ALA A 199 15.75 30.10 -36.19
N SER A 200 15.39 28.82 -36.15
CA SER A 200 15.78 27.84 -37.15
C SER A 200 14.64 26.95 -37.61
N GLN A 201 13.44 27.10 -37.05
CA GLN A 201 12.24 26.30 -37.35
C GLN A 201 12.53 24.83 -37.02
N ASN A 202 12.36 23.90 -37.96
CA ASN A 202 12.38 22.45 -37.72
C ASN A 202 11.38 22.07 -36.63
N LYS A 203 10.11 22.25 -36.98
CA LYS A 203 9.00 21.99 -36.07
C LYS A 203 8.89 20.52 -35.67
N ILE A 204 9.39 19.60 -36.50
CA ILE A 204 9.39 18.18 -36.16
C ILE A 204 10.22 17.93 -34.91
N LYS A 205 11.39 18.57 -34.81
CA LYS A 205 12.31 18.39 -33.68
C LYS A 205 11.67 18.73 -32.35
N ILE A 206 10.72 19.65 -32.36
CA ILE A 206 10.05 20.13 -31.15
C ILE A 206 8.77 19.35 -30.88
N VAL A 207 7.92 19.13 -31.89
CA VAL A 207 6.67 18.45 -31.60
C VAL A 207 6.92 16.96 -31.34
N GLY A 208 7.96 16.37 -31.94
CA GLY A 208 8.31 15.01 -31.59
C GLY A 208 8.97 14.91 -30.23
N LEU A 209 9.65 15.99 -29.82
CA LEU A 209 10.20 16.05 -28.46
C LEU A 209 9.07 16.08 -27.44
N GLY A 210 8.03 16.87 -27.72
CA GLY A 210 6.87 16.88 -26.85
C GLY A 210 6.15 15.55 -26.82
N LEU A 211 6.04 14.89 -27.98
CA LEU A 211 5.39 13.58 -28.03
C LEU A 211 6.17 12.54 -27.25
N LEU A 212 7.51 12.55 -27.35
CA LEU A 212 8.29 11.55 -26.63
C LEU A 212 8.37 11.87 -25.14
N ARG A 213 8.27 13.15 -24.77
CA ARG A 213 8.11 13.47 -23.35
C ARG A 213 6.78 12.98 -22.81
N VAL A 214 5.73 13.04 -23.64
CA VAL A 214 4.43 12.48 -23.26
C VAL A 214 4.53 10.96 -23.12
N LEU A 215 5.24 10.30 -24.04
CA LEU A 215 5.30 8.83 -24.03
C LEU A 215 6.16 8.30 -22.89
N GLN A 216 7.02 9.13 -22.30
CA GLN A 216 7.78 8.67 -21.15
C GLN A 216 6.96 8.64 -19.86
N ASN A 217 5.73 9.15 -19.89
CA ASN A 217 4.84 9.01 -18.76
C ASN A 217 4.53 7.53 -18.56
N PRO A 218 4.65 7.00 -17.34
CA PRO A 218 4.38 5.57 -17.13
C PRO A 218 2.97 5.13 -17.48
N ILE A 219 1.98 6.02 -17.29
CA ILE A 219 0.59 5.66 -17.59
C ILE A 219 0.38 5.35 -19.07
N VAL A 220 0.94 6.15 -19.97
CA VAL A 220 0.61 5.97 -21.39
C VAL A 220 1.20 4.67 -21.96
N PHE A 221 2.50 4.45 -21.78
CA PHE A 221 3.08 3.25 -22.37
C PHE A 221 2.77 2.02 -21.54
N MET A 222 2.45 2.20 -20.25
CA MET A 222 1.98 1.06 -19.47
C MET A 222 0.57 0.67 -19.90
N VAL A 223 -0.23 1.64 -20.35
CA VAL A 223 -1.54 1.33 -20.92
C VAL A 223 -1.39 0.68 -22.29
N PHE A 224 -0.36 1.08 -23.03
CA PHE A 224 -0.05 0.42 -24.29
C PHE A 224 0.31 -1.05 -24.07
N ILE A 225 1.15 -1.32 -23.06
CA ILE A 225 1.54 -2.69 -22.79
C ILE A 225 0.33 -3.50 -22.28
N GLY A 226 -0.52 -2.89 -21.46
CA GLY A 226 -1.72 -3.59 -21.02
C GLY A 226 -2.72 -3.86 -22.13
N ILE A 227 -2.87 -2.92 -23.06
CA ILE A 227 -3.75 -3.15 -24.21
C ILE A 227 -3.20 -4.28 -25.08
N ALA A 228 -1.88 -4.32 -25.30
CA ALA A 228 -1.29 -5.40 -26.08
C ALA A 228 -1.49 -6.74 -25.39
N PHE A 229 -1.22 -6.81 -24.08
CA PHE A 229 -1.35 -8.07 -23.38
C PHE A 229 -2.79 -8.47 -23.13
N ASN A 230 -3.74 -7.54 -23.29
CA ASN A 230 -5.15 -7.94 -23.24
C ASN A 230 -5.51 -8.82 -24.42
N PHE A 231 -4.92 -8.55 -25.58
CA PHE A 231 -5.17 -9.38 -26.76
C PHE A 231 -4.22 -10.56 -26.81
N ILE A 232 -3.03 -10.43 -26.21
CA ILE A 232 -2.07 -11.53 -26.24
C ILE A 232 -2.52 -12.64 -25.30
N LEU A 233 -2.88 -12.31 -24.07
CA LEU A 233 -3.21 -13.30 -23.06
C LEU A 233 -4.67 -13.76 -23.13
N ASP A 234 -5.47 -13.16 -24.01
CA ASP A 234 -6.90 -13.44 -24.15
C ASP A 234 -7.59 -13.22 -22.80
N ARG A 235 -7.59 -11.96 -22.39
CA ARG A 235 -8.39 -11.44 -21.29
C ARG A 235 -8.20 -12.14 -19.95
N LYS A 236 -7.09 -12.86 -19.76
CA LYS A 236 -6.86 -13.63 -18.54
C LYS A 236 -5.44 -13.41 -18.04
N VAL A 237 -5.34 -12.93 -16.80
CA VAL A 237 -4.07 -12.70 -16.14
C VAL A 237 -3.45 -14.05 -15.80
N PRO A 238 -2.14 -14.23 -15.98
CA PRO A 238 -1.51 -15.51 -15.61
C PRO A 238 -1.60 -15.76 -14.11
N VAL A 239 -1.73 -17.04 -13.76
CA VAL A 239 -1.98 -17.42 -12.37
C VAL A 239 -0.73 -17.21 -11.52
N TYR A 240 0.45 -17.35 -12.12
CA TYR A 240 1.69 -17.13 -11.39
C TYR A 240 1.96 -15.67 -11.12
N VAL A 241 1.36 -14.77 -11.89
CA VAL A 241 1.63 -13.33 -11.78
C VAL A 241 0.46 -12.58 -11.16
N GLU A 242 -0.71 -13.22 -11.07
CA GLU A 242 -1.92 -12.55 -10.58
C GLU A 242 -1.78 -12.06 -9.16
N ASN A 243 -1.29 -12.92 -8.25
CA ASN A 243 -1.20 -12.52 -6.86
C ASN A 243 -0.11 -11.47 -6.66
N PHE A 244 0.98 -11.55 -7.42
CA PHE A 244 2.02 -10.53 -7.36
C PHE A 244 1.51 -9.17 -7.82
N LEU A 245 0.75 -9.16 -8.93
CA LEU A 245 0.21 -7.90 -9.42
C LEU A 245 -0.88 -7.35 -8.50
N ASP A 246 -1.67 -8.21 -7.88
CA ASP A 246 -2.65 -7.75 -6.91
C ASP A 246 -1.97 -7.15 -5.68
N GLY A 247 -0.89 -7.80 -5.21
CA GLY A 247 -0.19 -7.30 -4.05
C GLY A 247 0.53 -5.98 -4.31
N LEU A 248 1.07 -5.81 -5.51
CA LEU A 248 1.71 -4.54 -5.83
C LEU A 248 0.69 -3.45 -6.22
N GLY A 249 -0.49 -3.84 -6.69
CA GLY A 249 -1.47 -2.85 -7.11
C GLY A 249 -2.36 -2.37 -5.99
N ASN A 250 -2.63 -3.20 -5.00
CA ASN A 250 -3.49 -2.80 -3.90
C ASN A 250 -2.83 -1.79 -2.98
N SER A 251 -1.51 -1.63 -3.08
CA SER A 251 -0.77 -0.68 -2.25
C SER A 251 -0.62 0.69 -2.89
N PHE A 252 -1.25 0.93 -4.03
CA PHE A 252 -1.15 2.22 -4.69
C PHE A 252 -2.01 3.29 -4.04
N SER A 253 -3.20 2.95 -3.55
CA SER A 253 -4.18 3.95 -3.14
C SER A 253 -3.70 4.71 -1.89
N GLY A 254 -3.45 3.96 -0.81
CA GLY A 254 -3.06 4.60 0.44
C GLY A 254 -1.72 5.29 0.35
N SER A 255 -0.74 4.65 -0.29
CA SER A 255 0.57 5.26 -0.43
C SER A 255 0.54 6.46 -1.36
N ALA A 256 -0.33 6.44 -2.36
CA ALA A 256 -0.44 7.60 -3.26
C ALA A 256 -1.09 8.78 -2.56
N LEU A 257 -2.14 8.55 -1.78
CA LEU A 257 -2.73 9.63 -1.01
C LEU A 257 -1.75 10.15 0.05
N PHE A 258 -0.98 9.25 0.66
CA PHE A 258 0.01 9.66 1.65
C PHE A 258 1.11 10.51 1.00
N TYR A 259 1.56 10.12 -0.20
CA TYR A 259 2.57 10.91 -0.89
C TYR A 259 2.02 12.25 -1.35
N LEU A 260 0.73 12.30 -1.71
CA LEU A 260 0.12 13.60 -2.01
C LEU A 260 0.12 14.50 -0.79
N GLY A 261 -0.19 13.93 0.38
CA GLY A 261 -0.10 14.73 1.59
C GLY A 261 1.32 15.15 1.91
N LEU A 262 2.31 14.27 1.68
CA LEU A 262 3.68 14.70 1.95
C LEU A 262 4.18 15.74 0.94
N THR A 263 3.72 15.70 -0.31
CA THR A 263 4.18 16.71 -1.26
C THR A 263 3.58 18.05 -0.93
N MET A 264 2.42 18.04 -0.27
CA MET A 264 1.59 19.22 -0.12
C MET A 264 1.99 20.11 1.06
N VAL A 265 3.07 19.81 1.78
CA VAL A 265 3.48 20.64 2.91
C VAL A 265 4.18 21.89 2.41
N GLY A 266 3.62 23.05 2.74
CA GLY A 266 4.28 24.32 2.50
C GLY A 266 4.30 24.81 1.07
N LYS A 267 3.46 24.29 0.18
CA LYS A 267 3.47 24.71 -1.21
C LYS A 267 2.49 25.83 -1.52
N ILE A 268 1.71 26.29 -0.53
CA ILE A 268 0.72 27.32 -0.80
C ILE A 268 1.36 28.70 -0.88
N LYS A 269 2.17 29.03 0.14
CA LYS A 269 2.92 30.30 0.23
C LYS A 269 1.99 31.51 0.19
N ARG A 270 2.57 32.71 0.05
CA ARG A 270 1.82 33.94 -0.15
C ARG A 270 1.86 34.29 -1.63
N LEU A 271 0.70 34.60 -2.19
CA LEU A 271 0.62 34.96 -3.60
C LEU A 271 0.62 36.48 -3.77
N LYS A 272 0.35 36.92 -4.99
CA LYS A 272 0.47 38.31 -5.40
C LYS A 272 -0.83 38.74 -6.05
N LYS A 273 -1.01 40.06 -6.20
CA LYS A 273 -2.19 40.60 -6.85
C LYS A 273 -2.34 40.07 -8.28
N SER A 274 -3.58 39.77 -8.65
CA SER A 274 -4.06 39.17 -9.90
C SER A 274 -3.75 37.69 -9.99
N ALA A 275 -2.89 37.20 -9.11
CA ALA A 275 -2.66 35.77 -9.06
C ALA A 275 -3.79 35.05 -8.34
N PHE A 276 -4.34 35.67 -7.28
CA PHE A 276 -5.59 35.18 -6.69
C PHE A 276 -6.72 35.07 -7.70
N VAL A 277 -6.88 36.06 -8.57
CA VAL A 277 -8.01 35.98 -9.50
C VAL A 277 -7.75 34.89 -10.53
N VAL A 278 -6.52 34.77 -11.05
CA VAL A 278 -6.34 33.73 -12.06
C VAL A 278 -6.41 32.32 -11.45
N LEU A 279 -6.05 32.15 -10.16
CA LEU A 279 -6.28 30.83 -9.56
C LEU A 279 -7.77 30.55 -9.37
N ILE A 280 -8.54 31.54 -8.91
CA ILE A 280 -10.00 31.36 -8.84
C ILE A 280 -10.58 31.00 -10.21
N LEU A 281 -10.18 31.69 -11.28
CA LEU A 281 -10.75 31.38 -12.60
C LEU A 281 -10.37 29.98 -13.07
N LEU A 282 -9.13 29.57 -12.84
CA LEU A 282 -8.73 28.25 -13.31
C LEU A 282 -9.43 27.15 -12.51
N ILE A 283 -9.46 27.28 -11.19
CA ILE A 283 -10.08 26.26 -10.35
C ILE A 283 -11.61 26.22 -10.55
N THR A 284 -12.26 27.38 -10.74
CA THR A 284 -13.69 27.34 -11.06
C THR A 284 -13.91 26.64 -12.38
N ALA A 285 -13.04 26.89 -13.37
CA ALA A 285 -13.19 26.23 -14.65
C ALA A 285 -13.08 24.72 -14.51
N LYS A 286 -12.00 24.27 -13.86
CA LYS A 286 -11.75 22.83 -13.72
C LYS A 286 -12.85 22.13 -12.93
N LEU A 287 -13.32 22.74 -11.84
CA LEU A 287 -14.26 22.05 -10.96
C LEU A 287 -15.72 22.35 -11.28
N LEU A 288 -16.00 23.28 -12.18
CA LEU A 288 -17.38 23.66 -12.48
C LEU A 288 -17.78 23.43 -13.93
N VAL A 289 -17.05 24.00 -14.91
CA VAL A 289 -17.63 23.99 -16.26
C VAL A 289 -17.28 22.71 -17.00
N LEU A 290 -16.20 22.04 -16.61
CA LEU A 290 -15.91 20.72 -17.16
C LEU A 290 -16.95 19.67 -16.78
N PRO A 291 -17.42 19.56 -15.53
CA PRO A 291 -18.51 18.61 -15.24
C PRO A 291 -19.83 18.92 -15.93
N LEU A 292 -20.20 20.20 -16.05
CA LEU A 292 -21.43 20.53 -16.75
C LEU A 292 -21.31 20.25 -18.24
N LEU A 293 -20.13 20.49 -18.82
CA LEU A 293 -19.92 20.13 -20.22
C LEU A 293 -19.97 18.61 -20.40
N CYS A 294 -19.44 17.86 -19.43
CA CYS A 294 -19.52 16.40 -19.50
C CYS A 294 -20.95 15.92 -19.48
N ARG A 295 -21.77 16.46 -18.57
CA ARG A 295 -23.17 16.08 -18.53
C ARG A 295 -23.91 16.47 -19.80
N GLU A 296 -23.65 17.68 -20.32
CA GLU A 296 -24.40 18.14 -21.49
C GLU A 296 -24.04 17.33 -22.72
N MET A 297 -22.76 17.03 -22.90
CA MET A 297 -22.37 16.22 -24.04
C MET A 297 -22.80 14.76 -23.86
N VAL A 298 -22.94 14.28 -22.63
CA VAL A 298 -23.46 12.92 -22.47
C VAL A 298 -24.94 12.85 -22.83
N GLU A 299 -25.77 13.82 -22.41
CA GLU A 299 -27.17 13.78 -22.85
C GLU A 299 -27.30 14.09 -24.35
N LEU A 300 -26.29 14.76 -24.92
CA LEU A 300 -26.35 15.09 -26.35
C LEU A 300 -25.86 13.94 -27.23
N LEU A 301 -24.88 13.15 -26.78
CA LEU A 301 -24.24 12.20 -27.67
C LEU A 301 -24.70 10.77 -27.41
N ASP A 302 -25.45 10.54 -26.32
CA ASP A 302 -25.98 9.21 -26.06
C ASP A 302 -27.37 9.02 -26.68
N LYS A 303 -27.46 8.06 -27.60
CA LYS A 303 -28.72 7.64 -28.20
C LYS A 303 -29.18 6.28 -27.67
N GLY A 304 -29.00 6.04 -26.38
CA GLY A 304 -29.51 4.81 -25.79
C GLY A 304 -31.02 4.82 -25.65
N ASP A 305 -31.59 3.62 -25.61
CA ASP A 305 -33.03 3.46 -25.49
C ASP A 305 -33.51 3.32 -24.06
N SER A 306 -32.60 3.37 -23.09
CA SER A 306 -32.93 3.19 -21.68
C SER A 306 -32.75 4.49 -20.91
N VAL A 307 -33.80 4.89 -20.20
CA VAL A 307 -33.80 6.14 -19.45
C VAL A 307 -33.00 6.03 -18.15
N VAL A 308 -33.11 4.92 -17.42
CA VAL A 308 -32.41 4.79 -16.15
C VAL A 308 -30.91 4.68 -16.37
N ASN A 309 -30.51 3.96 -17.43
CA ASN A 309 -29.11 3.93 -17.80
C ASN A 309 -28.60 5.31 -18.21
N HIS A 310 -29.44 6.07 -18.93
CA HIS A 310 -29.06 7.42 -19.33
C HIS A 310 -28.91 8.35 -18.13
N THR A 311 -29.80 8.26 -17.15
CA THR A 311 -29.69 9.12 -15.97
C THR A 311 -28.47 8.75 -15.13
N SER A 312 -28.19 7.46 -14.96
CA SER A 312 -27.01 7.06 -14.21
C SER A 312 -25.72 7.45 -14.94
N LEU A 313 -25.71 7.36 -16.27
CA LEU A 313 -24.55 7.79 -17.03
C LEU A 313 -24.35 9.30 -16.92
N SER A 314 -25.45 10.07 -16.91
CA SER A 314 -25.33 11.52 -16.76
C SER A 314 -24.80 11.89 -15.38
N ASN A 315 -25.29 11.22 -14.33
CA ASN A 315 -24.81 11.49 -12.98
C ASN A 315 -23.33 11.13 -12.85
N TYR A 316 -22.92 10.01 -13.44
CA TYR A 316 -21.50 9.64 -13.38
C TYR A 316 -20.65 10.61 -14.18
N ALA A 317 -21.19 11.15 -15.28
CA ALA A 317 -20.45 12.13 -16.07
C ALA A 317 -20.28 13.43 -15.29
N PHE A 318 -21.29 13.82 -14.51
CA PHE A 318 -21.13 14.99 -13.65
C PHE A 318 -20.09 14.70 -12.57
N LEU A 319 -20.12 13.49 -12.01
CA LEU A 319 -19.19 13.16 -10.93
C LEU A 319 -17.74 13.08 -11.40
N TYR A 320 -17.51 12.69 -12.66
CA TYR A 320 -16.14 12.52 -13.12
C TYR A 320 -15.36 13.84 -13.22
N GLY A 321 -16.00 14.92 -13.67
CA GLY A 321 -15.19 16.11 -13.84
C GLY A 321 -14.81 16.86 -12.58
N VAL A 322 -15.46 16.60 -11.45
CA VAL A 322 -15.18 17.34 -10.23
C VAL A 322 -13.91 16.84 -9.53
N PHE A 323 -13.25 15.82 -10.07
CA PHE A 323 -12.04 15.31 -9.44
C PHE A 323 -10.92 16.35 -9.52
N PRO A 324 -10.05 16.44 -8.51
CA PRO A 324 -9.02 17.48 -8.51
C PRO A 324 -7.86 17.18 -9.45
N VAL A 325 -6.90 18.10 -9.51
CA VAL A 325 -5.79 18.05 -10.44
C VAL A 325 -4.73 17.06 -9.95
N ALA A 326 -4.20 16.25 -10.87
CA ALA A 326 -3.18 15.27 -10.50
C ALA A 326 -1.85 15.96 -10.22
N PRO A 327 -1.01 15.37 -9.35
CA PRO A 327 0.31 15.95 -9.07
C PRO A 327 1.29 15.92 -10.24
N GLY A 328 0.92 15.21 -11.31
CA GLY A 328 1.76 15.21 -12.50
C GLY A 328 1.91 16.58 -13.15
N VAL A 329 0.92 17.46 -12.98
CA VAL A 329 1.06 18.81 -13.52
C VAL A 329 2.13 19.59 -12.76
N ALA A 330 2.17 19.44 -11.43
CA ALA A 330 3.24 20.07 -10.66
C ALA A 330 4.59 19.45 -10.96
N ILE A 331 4.62 18.13 -11.22
CA ILE A 331 5.87 17.50 -11.65
C ILE A 331 6.34 18.11 -12.97
N PHE A 332 5.42 18.32 -13.91
CA PHE A 332 5.80 18.88 -15.20
C PHE A 332 6.30 20.32 -15.06
N ALA A 333 5.63 21.12 -14.23
CA ALA A 333 6.11 22.48 -13.98
C ALA A 333 7.41 22.51 -13.20
N THR A 334 7.67 21.50 -12.37
CA THR A 334 8.94 21.44 -11.66
C THR A 334 10.09 21.08 -12.59
N GLN A 335 9.88 20.07 -13.44
CA GLN A 335 10.92 19.68 -14.40
C GLN A 335 11.15 20.76 -15.45
N PHE A 336 10.10 21.49 -15.81
CA PHE A 336 10.19 22.63 -16.71
C PHE A 336 10.76 23.88 -16.04
N ASN A 337 10.68 23.99 -14.71
CA ASN A 337 11.04 25.20 -13.97
C ASN A 337 10.28 26.40 -14.52
N MET A 338 8.96 26.26 -14.53
CA MET A 338 8.05 27.07 -15.34
C MET A 338 6.75 27.25 -14.56
N GLU A 339 6.64 28.38 -13.85
CA GLU A 339 5.46 28.73 -13.07
C GLU A 339 5.07 27.63 -12.09
N VAL A 340 6.06 27.15 -11.34
CA VAL A 340 5.85 26.05 -10.41
C VAL A 340 4.96 26.48 -9.25
N GLU A 341 5.10 27.73 -8.79
CA GLU A 341 4.35 28.21 -7.64
C GLU A 341 2.86 28.30 -7.95
N ILE A 342 2.51 28.82 -9.14
CA ILE A 342 1.11 29.01 -9.50
C ILE A 342 0.40 27.67 -9.64
N ILE A 343 1.05 26.70 -10.31
CA ILE A 343 0.42 25.41 -10.53
C ILE A 343 0.31 24.62 -9.23
N THR A 344 1.34 24.70 -8.38
CA THR A 344 1.26 24.03 -7.08
C THR A 344 0.18 24.64 -6.20
N SER A 345 0.08 25.97 -6.17
CA SER A 345 -0.98 26.62 -5.41
C SER A 345 -2.35 26.24 -5.96
N GLY A 346 -2.45 26.09 -7.28
CA GLY A 346 -3.71 25.71 -7.89
C GLY A 346 -4.11 24.32 -7.48
N MET A 347 -3.13 23.43 -7.35
CA MET A 347 -3.43 22.06 -6.96
C MET A 347 -3.87 21.98 -5.50
N VAL A 348 -3.19 22.69 -4.60
CA VAL A 348 -3.60 22.57 -3.20
C VAL A 348 -4.93 23.26 -2.95
N ILE A 349 -5.31 24.19 -3.83
CA ILE A 349 -6.63 24.76 -3.58
C ILE A 349 -7.68 23.85 -4.20
N SER A 350 -7.43 23.32 -5.40
CA SER A 350 -8.47 22.49 -6.00
C SER A 350 -8.64 21.20 -5.21
N THR A 351 -7.53 20.68 -4.65
CA THR A 351 -7.60 19.45 -3.86
C THR A 351 -8.35 19.68 -2.55
N PHE A 352 -8.16 20.84 -1.90
CA PHE A 352 -8.92 21.09 -0.69
C PHE A 352 -10.39 21.35 -1.01
N VAL A 353 -10.63 22.21 -2.00
CA VAL A 353 -11.95 22.69 -2.39
C VAL A 353 -12.87 21.62 -2.98
N SER A 354 -12.35 20.61 -3.67
CA SER A 354 -13.25 19.64 -4.27
C SER A 354 -13.92 18.68 -3.29
N ALA A 355 -13.42 18.53 -2.06
CA ALA A 355 -14.05 17.58 -1.13
C ALA A 355 -15.50 17.94 -0.81
N PRO A 356 -15.83 19.21 -0.51
CA PRO A 356 -17.26 19.49 -0.37
C PRO A 356 -17.93 19.65 -1.70
N ILE A 357 -17.19 19.92 -2.77
CA ILE A 357 -17.89 20.14 -4.03
C ILE A 357 -18.41 18.79 -4.50
N MET A 358 -17.59 17.76 -4.28
CA MET A 358 -17.97 16.38 -4.49
C MET A 358 -19.18 15.99 -3.64
N TYR A 359 -19.14 16.34 -2.35
CA TYR A 359 -20.25 15.94 -1.48
C TYR A 359 -21.56 16.61 -1.89
N VAL A 360 -21.53 17.93 -2.07
CA VAL A 360 -22.74 18.67 -2.43
C VAL A 360 -23.25 18.27 -3.80
N SER A 361 -22.36 18.10 -4.78
CA SER A 361 -22.81 17.72 -6.12
C SER A 361 -23.42 16.33 -6.13
N ALA A 362 -22.80 15.36 -5.46
CA ALA A 362 -23.34 14.00 -5.51
C ALA A 362 -24.67 13.90 -4.74
N TRP A 363 -24.78 14.58 -3.60
CA TRP A 363 -26.06 14.58 -2.90
C TRP A 363 -27.13 15.40 -3.61
N LEU A 364 -26.76 16.40 -4.39
CA LEU A 364 -27.75 17.09 -5.21
C LEU A 364 -28.21 16.22 -6.38
N LEU A 365 -27.30 15.41 -6.92
CA LEU A 365 -27.65 14.50 -8.01
C LEU A 365 -28.54 13.35 -7.55
N THR A 366 -28.36 12.85 -6.33
CA THR A 366 -29.20 11.74 -5.89
C THR A 366 -30.56 12.18 -5.38
N PHE A 367 -30.79 13.48 -5.25
CA PHE A 367 -32.04 13.99 -4.67
C PHE A 367 -33.32 13.67 -5.44
N PRO A 368 -33.44 13.90 -6.78
CA PRO A 368 -34.78 13.84 -7.39
C PRO A 368 -35.37 12.43 -7.46
N THR A 369 -36.63 12.35 -7.90
CA THR A 369 -37.48 11.15 -7.87
C THR A 369 -37.57 10.70 -6.41
N MET A 370 -37.08 9.51 -6.05
CA MET A 370 -37.22 8.90 -4.72
C MET A 370 -38.69 8.87 -4.32
N ASP A 371 -38.97 9.17 -3.05
CA ASP A 371 -40.31 9.32 -2.49
C ASP A 371 -40.23 10.57 -1.63
N PRO A 372 -41.34 11.32 -1.48
CA PRO A 372 -41.28 12.58 -0.71
C PRO A 372 -40.75 12.47 0.71
N LYS A 373 -40.95 11.35 1.38
CA LYS A 373 -40.63 11.29 2.81
C LYS A 373 -39.14 11.09 3.11
N PRO A 374 -38.37 10.22 2.42
CA PRO A 374 -36.96 10.06 2.80
C PRO A 374 -36.03 11.22 2.43
N LEU A 375 -36.50 12.33 1.85
CA LEU A 375 -35.61 13.49 1.77
C LEU A 375 -35.28 14.05 3.13
N ALA A 376 -36.19 13.93 4.11
CA ALA A 376 -35.87 14.45 5.43
C ALA A 376 -34.76 13.63 6.08
N TYR A 377 -34.80 12.30 5.86
CA TYR A 377 -33.71 11.45 6.33
C TYR A 377 -32.42 11.74 5.58
N ALA A 378 -32.52 12.06 4.29
CA ALA A 378 -31.33 12.43 3.52
C ALA A 378 -30.71 13.73 4.04
N ILE A 379 -31.54 14.72 4.36
CA ILE A 379 -31.06 15.98 4.91
C ILE A 379 -30.41 15.75 6.27
N GLN A 380 -31.04 14.92 7.11
CA GLN A 380 -30.43 14.64 8.42
C GLN A 380 -29.11 13.90 8.29
N ASN A 381 -29.03 12.93 7.36
CA ASN A 381 -27.79 12.21 7.17
C ASN A 381 -26.67 13.09 6.62
N VAL A 382 -26.98 13.96 5.64
CA VAL A 382 -25.97 14.87 5.11
C VAL A 382 -25.48 15.84 6.17
N SER A 383 -26.40 16.39 6.97
CA SER A 383 -26.00 17.33 8.02
C SER A 383 -25.16 16.62 9.06
N PHE A 384 -25.48 15.35 9.35
CA PHE A 384 -24.66 14.57 10.28
C PHE A 384 -23.24 14.37 9.75
N ASP A 385 -23.09 14.00 8.47
CA ASP A 385 -21.74 13.77 7.95
C ASP A 385 -20.94 15.07 7.85
N ILE A 386 -21.61 16.18 7.56
CA ILE A 386 -20.90 17.46 7.58
C ILE A 386 -20.54 17.86 9.00
N SER A 387 -21.45 17.61 9.96
CA SER A 387 -21.22 18.05 11.33
C SER A 387 -20.10 17.28 11.99
N ILE A 388 -19.87 16.03 11.56
CA ILE A 388 -18.73 15.27 12.08
C ILE A 388 -17.41 15.96 11.76
N VAL A 389 -17.21 16.29 10.47
CA VAL A 389 -15.94 16.90 10.06
C VAL A 389 -15.80 18.30 10.62
N SER A 390 -16.89 19.06 10.66
CA SER A 390 -16.81 20.42 11.21
C SER A 390 -16.48 20.37 12.69
N LEU A 391 -17.06 19.42 13.43
CA LEU A 391 -16.79 19.30 14.86
C LEU A 391 -15.35 18.87 15.12
N ILE A 392 -14.82 17.95 14.31
CA ILE A 392 -13.43 17.51 14.55
C ILE A 392 -12.46 18.64 14.24
N SER A 393 -12.67 19.35 13.13
CA SER A 393 -11.80 20.46 12.79
C SER A 393 -11.95 21.61 13.78
N LEU A 394 -13.16 21.79 14.31
CA LEU A 394 -13.41 22.83 15.29
C LEU A 394 -12.76 22.51 16.63
N ILE A 395 -12.77 21.24 17.02
CA ILE A 395 -12.06 20.82 18.23
C ILE A 395 -10.57 21.08 18.08
N TRP A 396 -10.02 20.78 16.90
CA TRP A 396 -8.60 21.06 16.68
C TRP A 396 -8.29 22.55 16.75
N SER A 397 -9.10 23.38 16.08
CA SER A 397 -8.83 24.82 16.05
C SER A 397 -9.05 25.45 17.42
N LEU A 398 -10.04 24.98 18.18
CA LEU A 398 -10.25 25.46 19.54
C LEU A 398 -9.09 25.07 20.44
N ALA A 399 -8.55 23.86 20.29
CA ALA A 399 -7.40 23.46 21.08
C ALA A 399 -6.19 24.31 20.75
N ILE A 400 -5.99 24.61 19.47
CA ILE A 400 -4.87 25.46 19.06
C ILE A 400 -5.03 26.87 19.61
N LEU A 401 -6.25 27.41 19.56
CA LEU A 401 -6.46 28.77 20.05
C LEU A 401 -6.34 28.86 21.57
N LEU A 402 -6.75 27.81 22.28
CA LEU A 402 -6.66 27.84 23.74
C LEU A 402 -5.22 27.65 24.20
N LEU A 403 -4.48 26.72 23.56
CA LEU A 403 -3.12 26.42 24.00
C LEU A 403 -2.13 27.51 23.62
N SER A 404 -2.45 28.35 22.64
CA SER A 404 -1.55 29.42 22.22
C SER A 404 -1.67 30.65 23.09
N LYS A 405 -2.62 30.68 24.04
CA LYS A 405 -2.81 31.78 25.00
C LYS A 405 -3.09 33.11 24.29
N LYS A 406 -3.69 33.05 23.10
CA LYS A 406 -4.10 34.24 22.37
C LYS A 406 -5.53 34.65 22.67
N TYR A 407 -6.22 33.91 23.54
CA TYR A 407 -7.61 34.19 23.86
C TYR A 407 -7.78 35.46 24.70
N LYS A 408 -6.74 35.90 25.39
CA LYS A 408 -6.83 37.06 26.27
C LYS A 408 -6.87 38.38 25.53
N GLN A 409 -6.49 38.41 24.25
CA GLN A 409 -6.44 39.64 23.48
C GLN A 409 -7.65 39.72 22.56
N LEU A 410 -8.25 40.90 22.48
CA LEU A 410 -9.34 41.13 21.53
C LEU A 410 -8.79 41.17 20.11
N PRO A 411 -9.60 40.78 19.11
CA PRO A 411 -10.98 40.26 19.16
C PRO A 411 -11.03 38.73 19.15
N HIS A 412 -9.92 38.03 19.39
CA HIS A 412 -9.90 36.59 19.21
C HIS A 412 -10.68 35.86 20.30
N MET A 413 -11.02 36.56 21.39
CA MET A 413 -11.82 35.94 22.45
C MET A 413 -13.24 35.67 21.94
N LEU A 414 -13.81 36.63 21.22
CA LEU A 414 -15.14 36.43 20.65
C LEU A 414 -15.13 35.38 19.56
N THR A 415 -14.00 35.26 18.83
CA THR A 415 -13.86 34.17 17.87
C THR A 415 -13.84 32.82 18.57
N THR A 416 -13.14 32.73 19.70
CA THR A 416 -13.11 31.50 20.48
C THR A 416 -14.50 31.15 20.99
N ASN A 417 -15.24 32.16 21.43
CA ASN A 417 -16.64 31.94 21.85
C ASN A 417 -17.49 31.46 20.68
N LEU A 418 -17.27 32.03 19.48
CA LEU A 418 -18.02 31.64 18.30
C LEU A 418 -17.76 30.18 17.96
N LEU A 419 -16.49 29.77 18.01
CA LEU A 419 -16.15 28.38 17.70
C LEU A 419 -16.70 27.44 18.77
N ILE A 420 -16.74 27.90 20.02
CA ILE A 420 -17.37 27.12 21.08
C ILE A 420 -18.86 26.93 20.80
N ALA A 421 -19.53 27.99 20.37
CA ALA A 421 -20.96 27.91 20.05
C ALA A 421 -21.22 26.97 18.89
N GLN A 422 -20.35 27.00 17.88
CA GLN A 422 -20.50 26.07 16.76
C GLN A 422 -20.21 24.65 17.21
N SER A 423 -19.34 24.48 18.21
CA SER A 423 -19.17 23.14 18.76
C SER A 423 -20.45 22.66 19.44
N ILE A 424 -21.15 23.56 20.16
CA ILE A 424 -22.44 23.15 20.74
C ILE A 424 -23.50 22.87 19.67
N VAL A 425 -23.48 23.60 18.54
CA VAL A 425 -24.42 23.25 17.45
C VAL A 425 -24.13 21.83 16.94
N CYS A 426 -22.85 21.52 16.70
CA CYS A 426 -22.50 20.19 16.20
C CYS A 426 -22.85 19.12 17.23
N ALA A 427 -22.64 19.40 18.52
CA ALA A 427 -23.01 18.45 19.55
C ALA A 427 -24.52 18.29 19.61
N GLY A 428 -25.24 19.35 19.27
CA GLY A 428 -26.69 19.25 19.18
C GLY A 428 -27.11 18.33 18.05
N MET A 429 -26.37 18.34 16.94
CA MET A 429 -26.66 17.32 15.90
C MET A 429 -26.33 15.91 16.35
N MET A 430 -25.24 15.74 17.12
CA MET A 430 -24.96 14.40 17.65
C MET A 430 -26.10 13.90 18.54
N ILE A 431 -26.66 14.79 19.36
CA ILE A 431 -27.83 14.40 20.16
C ILE A 431 -29.04 14.16 19.26
N TRP A 432 -29.24 15.03 18.27
CA TRP A 432 -30.47 15.04 17.49
C TRP A 432 -30.58 13.84 16.55
N ASN A 433 -29.44 13.30 16.11
CA ASN A 433 -29.49 12.12 15.25
C ASN A 433 -29.98 10.89 16.00
N PHE A 434 -29.72 10.82 17.31
CA PHE A 434 -30.05 9.64 18.10
C PHE A 434 -31.27 9.84 19.00
N VAL A 435 -31.80 11.07 19.09
CA VAL A 435 -32.91 11.35 19.99
C VAL A 435 -34.10 11.89 19.22
N LYS A 436 -34.26 11.46 17.98
CA LYS A 436 -35.32 12.00 17.14
C LYS A 436 -36.71 11.49 17.54
N GLU A 437 -36.78 10.27 18.07
CA GLU A 437 -38.07 9.63 18.35
C GLU A 437 -38.09 8.98 19.73
N LYS A 438 -37.39 9.58 20.70
CA LYS A 438 -37.33 8.99 22.03
C LYS A 438 -38.46 9.48 22.92
N ASN A 439 -38.53 10.78 23.17
CA ASN A 439 -39.55 11.36 24.03
C ASN A 439 -39.79 12.79 23.57
N PHE A 440 -41.00 13.30 23.84
CA PHE A 440 -41.30 14.67 23.43
C PHE A 440 -40.56 15.66 24.31
N VAL A 441 -40.36 15.34 25.58
CA VAL A 441 -39.71 16.27 26.49
C VAL A 441 -38.23 16.37 26.17
N GLY A 442 -37.58 15.23 25.93
CA GLY A 442 -36.18 15.22 25.53
C GLY A 442 -35.97 15.85 24.16
N GLN A 443 -36.91 15.63 23.24
CA GLN A 443 -36.83 16.27 21.93
C GLN A 443 -36.97 17.78 22.06
N ILE A 444 -37.85 18.24 22.94
CA ILE A 444 -38.04 19.68 23.14
C ILE A 444 -36.78 20.29 23.74
N LEU A 445 -36.19 19.61 24.74
CA LEU A 445 -34.96 20.12 25.34
C LEU A 445 -33.81 20.14 24.35
N VAL A 446 -33.69 19.10 23.52
CA VAL A 446 -32.63 19.03 22.53
C VAL A 446 -32.82 20.12 21.48
N PHE A 447 -34.06 20.34 21.04
CA PHE A 447 -34.35 21.38 20.06
C PHE A 447 -34.05 22.76 20.65
N VAL A 448 -34.40 22.96 21.92
CA VAL A 448 -34.16 24.25 22.57
C VAL A 448 -32.66 24.52 22.65
N LEU A 449 -31.89 23.51 23.06
CA LEU A 449 -30.44 23.69 23.15
C LEU A 449 -29.81 23.92 21.78
N LEU A 450 -30.23 23.15 20.77
CA LEU A 450 -29.66 23.25 19.44
C LEU A 450 -29.98 24.60 18.80
N TYR A 451 -31.23 25.06 18.94
CA TYR A 451 -31.59 26.34 18.36
C TYR A 451 -31.07 27.51 19.18
N SER A 452 -30.86 27.32 20.48
CA SER A 452 -30.16 28.32 21.27
C SER A 452 -28.73 28.50 20.77
N SER A 453 -28.03 27.39 20.51
CA SER A 453 -26.67 27.49 20.00
C SER A 453 -26.63 28.07 18.59
N LEU A 454 -27.62 27.72 17.76
CA LEU A 454 -27.67 28.26 16.41
C LEU A 454 -27.93 29.76 16.42
N TYR A 455 -28.91 30.20 17.23
CA TYR A 455 -29.20 31.63 17.32
C TYR A 455 -28.06 32.40 17.97
N SER A 456 -27.36 31.77 18.93
CA SER A 456 -26.20 32.42 19.52
C SER A 456 -25.09 32.60 18.49
N THR A 457 -24.87 31.61 17.63
CA THR A 457 -23.90 31.78 16.55
C THR A 457 -24.34 32.90 15.59
N TYR A 458 -25.62 32.92 15.28
CA TYR A 458 -26.20 33.95 14.40
C TYR A 458 -25.94 35.34 14.94
N LEU A 459 -26.26 35.58 16.21
CA LEU A 459 -26.07 36.93 16.71
C LEU A 459 -24.62 37.19 17.12
N TRP A 460 -23.81 36.15 17.32
CA TRP A 460 -22.40 36.36 17.66
C TRP A 460 -21.63 36.81 16.43
N THR A 461 -22.08 36.42 15.24
CA THR A 461 -21.51 37.00 14.04
C THR A 461 -21.71 38.51 14.02
N GLY A 462 -22.93 38.97 14.35
CA GLY A 462 -23.17 40.40 14.40
C GLY A 462 -22.42 41.11 15.53
N LEU A 463 -22.28 40.46 16.69
CA LEU A 463 -21.50 41.09 17.77
C LEU A 463 -20.03 41.19 17.40
N LEU A 464 -19.47 40.17 16.75
CA LEU A 464 -18.09 40.24 16.29
C LEU A 464 -17.92 41.32 15.24
N ALA A 465 -18.89 41.46 14.33
CA ALA A 465 -18.84 42.52 13.33
C ALA A 465 -18.92 43.90 13.98
N ILE A 466 -19.77 44.04 15.00
CA ILE A 466 -19.92 45.33 15.68
C ILE A 466 -18.64 45.67 16.46
N SER A 467 -18.02 44.65 17.06
CA SER A 467 -16.75 44.88 17.77
C SER A 467 -15.64 45.24 16.79
N LEU A 468 -15.63 44.62 15.61
CA LEU A 468 -14.67 44.98 14.57
C LEU A 468 -14.89 46.41 14.08
N PHE A 469 -16.15 46.81 13.93
CA PHE A 469 -16.46 48.17 13.53
C PHE A 469 -16.05 49.19 14.60
N LEU A 470 -16.22 48.82 15.87
CA LEU A 470 -15.81 49.71 16.95
C LEU A 470 -14.30 49.82 17.04
N LEU A 471 -13.59 48.71 16.80
CA LEU A 471 -12.13 48.74 16.85
C LEU A 471 -11.55 49.42 15.62
N LYS A 472 -12.25 49.38 14.49
CA LYS A 472 -11.77 50.05 13.29
C LYS A 472 -11.86 51.57 13.42
N LYS A 473 -12.72 52.06 14.30
CA LYS A 473 -12.85 53.49 14.53
C LYS A 473 -11.70 54.06 15.33
N ARG A 474 -10.93 53.21 16.00
CA ARG A 474 -9.79 53.61 16.84
C ARG A 474 -10.23 54.59 17.94
N GLU A 475 -11.40 54.33 18.51
CA GLU A 475 -11.95 55.14 19.58
C GLU A 475 -11.66 54.50 20.92
N ARG A 476 -11.35 55.34 21.92
CA ARG A 476 -11.02 54.86 23.26
C ARG A 476 -12.30 54.62 24.05
N VAL A 477 -13.07 53.65 23.58
CA VAL A 477 -14.34 53.25 24.19
C VAL A 477 -14.17 51.86 24.77
N GLN A 478 -14.41 51.73 26.07
CA GLN A 478 -14.30 50.43 26.76
C GLN A 478 -15.49 49.56 26.36
N ILE A 479 -15.22 48.56 25.52
CA ILE A 479 -16.30 47.68 25.05
C ILE A 479 -16.73 46.77 26.19
N PRO A 480 -18.02 46.75 26.55
CA PRO A 480 -18.47 45.85 27.63
C PRO A 480 -18.55 44.41 27.16
N VAL A 481 -17.42 43.71 27.19
CA VAL A 481 -17.38 42.34 26.69
C VAL A 481 -18.18 41.40 27.60
N GLY A 482 -18.17 41.65 28.90
CA GLY A 482 -18.99 40.85 29.80
C GLY A 482 -20.48 41.04 29.58
N ILE A 483 -20.91 42.28 29.34
CA ILE A 483 -22.32 42.54 29.04
C ILE A 483 -22.68 41.95 27.69
N ILE A 484 -21.75 41.98 26.74
CA ILE A 484 -21.98 41.40 25.42
C ILE A 484 -22.12 39.89 25.52
N ILE A 485 -21.29 39.25 26.34
CA ILE A 485 -21.39 37.80 26.52
C ILE A 485 -22.68 37.43 27.25
N ILE A 486 -23.10 38.25 28.21
CA ILE A 486 -24.36 37.99 28.91
C ILE A 486 -25.55 38.11 27.95
N SER A 487 -25.53 39.12 27.09
CA SER A 487 -26.57 39.26 26.08
C SER A 487 -26.54 38.09 25.09
N GLY A 488 -25.36 37.70 24.66
CA GLY A 488 -25.24 36.61 23.69
C GLY A 488 -25.62 35.26 24.26
N TRP A 489 -25.51 35.10 25.58
CA TRP A 489 -25.95 33.85 26.20
C TRP A 489 -27.39 33.90 26.66
N GLY A 490 -28.01 35.07 26.74
CA GLY A 490 -29.35 35.15 27.27
C GLY A 490 -30.40 35.36 26.20
N ILE A 491 -30.07 36.19 25.19
CA ILE A 491 -31.04 36.49 24.14
C ILE A 491 -31.40 35.27 23.31
N PRO A 492 -30.46 34.45 22.85
CA PRO A 492 -30.87 33.19 22.18
C PRO A 492 -31.64 32.24 23.08
N ALA A 493 -31.31 32.17 24.38
CA ALA A 493 -32.09 31.34 25.29
C ALA A 493 -33.50 31.90 25.47
N LEU A 494 -33.63 33.23 25.51
CA LEU A 494 -34.93 33.86 25.60
C LEU A 494 -35.74 33.63 24.33
N LEU A 495 -35.08 33.67 23.17
CA LEU A 495 -35.78 33.39 21.91
C LEU A 495 -36.25 31.94 21.84
N VAL A 496 -35.43 31.00 22.34
CA VAL A 496 -35.83 29.60 22.35
C VAL A 496 -37.00 29.39 23.31
N GLY A 497 -36.97 30.06 24.47
CA GLY A 497 -38.07 29.98 25.40
C GLY A 497 -39.35 30.59 24.87
N VAL A 498 -39.23 31.69 24.13
CA VAL A 498 -40.39 32.34 23.52
C VAL A 498 -40.98 31.45 22.43
N LEU A 499 -40.13 30.79 21.64
CA LEU A 499 -40.62 29.88 20.61
C LEU A 499 -41.27 28.64 21.23
N LEU A 500 -40.78 28.21 22.40
CA LEU A 500 -41.40 27.10 23.09
C LEU A 500 -42.74 27.48 23.71
N ILE A 501 -42.81 28.69 24.29
CA ILE A 501 -44.02 29.13 24.98
C ILE A 501 -45.13 29.48 23.99
N THR A 502 -44.79 30.16 22.89
CA THR A 502 -45.85 30.67 22.01
C THR A 502 -46.04 29.77 20.81
N GLY A 503 -44.99 29.08 20.36
CA GLY A 503 -45.12 28.20 19.23
C GLY A 503 -45.84 26.91 19.57
N LYS A 504 -46.40 26.29 18.55
CA LYS A 504 -47.09 25.01 18.69
C LYS A 504 -46.21 23.90 18.11
N HIS A 505 -45.98 22.86 18.89
CA HIS A 505 -45.12 21.77 18.45
C HIS A 505 -45.80 20.95 17.37
N ASN A 506 -45.04 20.59 16.33
CA ASN A 506 -45.53 19.80 15.22
C ASN A 506 -44.99 18.38 15.35
N GLY A 507 -45.87 17.45 15.73
CA GLY A 507 -45.48 16.07 15.93
C GLY A 507 -45.24 15.28 14.65
N ASP A 508 -45.79 15.72 13.52
CA ASP A 508 -45.65 15.01 12.26
C ASP A 508 -44.44 15.45 11.46
N SER A 509 -43.64 16.38 11.98
CA SER A 509 -42.45 16.88 11.31
C SER A 509 -41.23 16.16 11.86
N ILE A 510 -40.52 15.43 11.00
CA ILE A 510 -39.30 14.75 11.40
C ILE A 510 -38.06 15.61 11.22
N ASP A 511 -38.14 16.68 10.44
CA ASP A 511 -37.02 17.59 10.28
C ASP A 511 -36.98 18.59 11.43
N SER A 512 -35.77 19.08 11.71
CA SER A 512 -35.58 20.03 12.79
C SER A 512 -36.12 21.42 12.46
N ALA A 513 -36.24 21.75 11.18
CA ALA A 513 -36.63 23.10 10.78
C ALA A 513 -38.10 23.40 11.05
N PHE A 514 -38.92 22.39 11.30
CA PHE A 514 -40.33 22.56 11.57
C PHE A 514 -40.73 21.94 12.91
N PHE A 515 -39.91 22.17 13.94
CA PHE A 515 -40.23 21.66 15.27
C PHE A 515 -41.42 22.39 15.86
N TYR A 516 -41.46 23.71 15.73
CA TYR A 516 -42.56 24.52 16.23
C TYR A 516 -43.44 25.07 15.10
N GLY A 517 -43.23 24.60 13.88
CA GLY A 517 -44.04 25.06 12.77
C GLY A 517 -43.57 26.40 12.24
N LYS A 518 -44.54 27.24 11.86
CA LYS A 518 -44.20 28.55 11.29
C LYS A 518 -43.69 29.51 12.34
N GLU A 519 -43.96 29.22 13.62
CA GLU A 519 -43.48 30.09 14.69
C GLU A 519 -41.96 30.01 14.84
N GLN A 520 -41.40 28.81 14.65
CA GLN A 520 -39.95 28.66 14.76
C GLN A 520 -39.24 29.31 13.58
N MET A 521 -39.80 29.21 12.38
CA MET A 521 -39.14 29.82 11.23
C MET A 521 -39.25 31.34 11.29
N ILE A 522 -40.33 31.85 11.88
CA ILE A 522 -40.46 33.28 12.07
C ILE A 522 -39.45 33.77 13.10
N THR A 523 -39.22 32.96 14.15
CA THR A 523 -38.25 33.33 15.17
C THR A 523 -36.83 33.27 14.64
N THR A 524 -36.53 32.31 13.76
CA THR A 524 -35.20 32.24 13.18
C THR A 524 -34.97 33.38 12.20
N ALA A 525 -36.03 33.83 11.53
CA ALA A 525 -35.91 34.94 10.59
C ALA A 525 -35.67 36.27 11.32
N VAL A 526 -36.34 36.47 12.45
CA VAL A 526 -36.17 37.71 13.20
C VAL A 526 -34.78 37.79 13.83
N THR A 527 -34.26 36.66 14.31
CA THR A 527 -32.93 36.65 14.91
C THR A 527 -31.86 36.88 13.85
N LEU A 528 -32.06 36.30 12.68
CA LEU A 528 -31.11 36.42 11.58
C LEU A 528 -31.16 37.82 10.97
N PHE A 529 -32.35 38.43 10.90
CA PHE A 529 -32.50 39.75 10.32
C PHE A 529 -31.85 40.81 11.21
N CYS A 530 -31.95 40.63 12.53
CA CYS A 530 -31.34 41.58 13.45
C CYS A 530 -29.82 41.49 13.38
N SER A 531 -29.30 40.28 13.15
CA SER A 531 -27.87 40.08 13.07
C SER A 531 -27.34 40.64 11.76
N ILE A 532 -28.11 40.48 10.68
CA ILE A 532 -27.71 40.98 9.36
C ILE A 532 -27.73 42.50 9.36
N LEU A 533 -28.69 43.10 10.08
CA LEU A 533 -28.78 44.55 10.16
C LEU A 533 -27.61 45.10 10.98
N ILE A 534 -27.21 44.36 12.02
CA ILE A 534 -26.07 44.79 12.84
C ILE A 534 -24.78 44.66 12.05
N ALA A 535 -24.66 43.58 11.28
CA ALA A 535 -23.47 43.38 10.45
C ALA A 535 -23.48 44.35 9.27
N GLY A 536 -24.66 44.67 8.76
CA GLY A 536 -24.77 45.60 7.65
C GLY A 536 -24.36 47.01 8.05
N ILE A 537 -24.66 47.39 9.30
CA ILE A 537 -24.24 48.70 9.80
C ILE A 537 -22.73 48.70 9.97
N SER A 538 -22.16 47.58 10.43
CA SER A 538 -20.72 47.49 10.63
C SER A 538 -20.00 47.45 9.29
N LEU A 539 -20.62 46.83 8.28
CA LEU A 539 -20.01 46.76 6.96
C LEU A 539 -20.02 48.13 6.28
N MET A 540 -21.07 48.91 6.49
CA MET A 540 -21.12 50.26 5.93
C MET A 540 -20.15 51.18 6.65
N CYS A 541 -19.90 50.91 7.94
CA CYS A 541 -18.94 51.72 8.69
C CYS A 541 -17.52 51.40 8.27
N MET A 542 -17.29 50.19 7.73
CA MET A 542 -15.95 49.79 7.30
C MET A 542 -15.52 50.55 6.06
N ASN A 543 -16.47 50.81 5.15
CA ASN A 543 -16.14 51.54 3.94
C ASN A 543 -15.89 53.01 4.23
N GLN A 544 -16.63 53.58 5.19
CA GLN A 544 -16.45 54.99 5.52
C GLN A 544 -15.14 55.19 6.28
N THR A 545 -14.75 54.23 7.11
CA THR A 545 -13.51 54.35 7.87
C THR A 545 -12.30 54.16 6.98
N ALA A 546 -12.42 53.31 5.95
CA ALA A 546 -11.32 53.07 5.03
C ALA A 546 -11.12 54.24 4.09
N GLN A 654 -5.06 39.22 13.47
CA GLN A 654 -6.01 40.11 14.12
C GLN A 654 -7.05 40.61 13.12
N LEU A 655 -6.95 41.89 12.76
CA LEU A 655 -7.99 42.52 11.95
C LEU A 655 -7.91 42.07 10.50
N THR A 656 -6.77 41.52 10.09
CA THR A 656 -6.61 41.05 8.72
C THR A 656 -7.53 39.88 8.41
N ARG A 657 -7.71 38.95 9.35
CA ARG A 657 -8.60 37.82 9.09
C ARG A 657 -9.98 38.03 9.71
N HIS A 658 -10.07 38.83 10.79
CA HIS A 658 -11.33 39.01 11.51
C HIS A 658 -12.46 39.47 10.59
N VAL A 659 -12.13 40.35 9.64
CA VAL A 659 -13.15 40.96 8.79
C VAL A 659 -13.76 39.93 7.86
N LEU A 660 -12.94 39.03 7.31
CA LEU A 660 -13.40 38.05 6.34
C LEU A 660 -14.29 37.00 6.99
N LEU A 661 -13.98 36.61 8.23
CA LEU A 661 -14.87 35.72 8.97
C LEU A 661 -16.22 36.37 9.23
N CYS A 662 -16.24 37.68 9.48
CA CYS A 662 -17.52 38.38 9.49
C CYS A 662 -18.12 38.43 8.08
N LEU A 663 -17.27 38.58 7.07
CA LEU A 663 -17.77 38.70 5.70
C LEU A 663 -18.32 37.36 5.20
N LEU A 664 -17.60 36.27 5.47
CA LEU A 664 -18.00 34.97 4.91
C LEU A 664 -19.25 34.43 5.59
N LEU A 665 -19.53 34.90 6.81
CA LEU A 665 -20.72 34.45 7.52
C LEU A 665 -21.98 35.12 6.98
N ILE A 666 -21.84 36.33 6.44
CA ILE A 666 -22.99 37.06 5.90
C ILE A 666 -23.54 36.36 4.68
N ILE A 667 -22.66 35.77 3.86
CA ILE A 667 -23.12 34.93 2.75
C ILE A 667 -23.83 33.69 3.28
N GLY A 668 -23.38 33.16 4.42
CA GLY A 668 -24.09 32.08 5.05
C GLY A 668 -25.44 32.52 5.59
N LEU A 669 -25.49 33.71 6.17
CA LEU A 669 -26.74 34.24 6.70
C LEU A 669 -27.67 34.68 5.57
N PHE A 670 -27.11 35.05 4.43
CA PHE A 670 -27.90 35.43 3.27
C PHE A 670 -28.64 34.23 2.67
N ALA A 671 -28.00 33.06 2.63
CA ALA A 671 -28.65 31.84 2.16
C ALA A 671 -29.71 31.33 3.12
N ASN A 672 -29.58 31.61 4.42
CA ASN A 672 -30.62 31.24 5.38
C ASN A 672 -31.89 32.05 5.20
N LEU A 673 -31.75 33.33 4.83
CA LEU A 673 -32.91 34.20 4.71
C LEU A 673 -33.74 33.83 3.48
N SER A 674 -33.08 33.41 2.40
CA SER A 674 -33.79 33.17 1.15
C SER A 674 -34.69 31.95 1.22
N SER A 675 -34.33 30.92 1.97
CA SER A 675 -35.19 29.75 2.06
C SER A 675 -36.45 30.05 2.87
N CYS A 676 -36.32 30.90 3.89
CA CYS A 676 -37.49 31.36 4.63
C CYS A 676 -38.39 32.27 3.80
N LEU A 677 -37.82 33.11 2.93
CA LEU A 677 -38.62 33.94 2.04
C LEU A 677 -39.35 33.14 0.97
N TRP A 678 -38.75 32.03 0.53
CA TRP A 678 -39.32 31.20 -0.52
C TRP A 678 -40.58 30.48 -0.06
N TRP A 679 -40.69 30.13 1.22
CA TRP A 679 -41.80 29.34 1.74
C TRP A 679 -43.11 30.10 1.84
N LEU A 680 -43.10 31.39 2.19
CA LEU A 680 -44.38 32.10 2.33
C LEU A 680 -45.00 32.41 0.98
N PHE A 681 -44.18 32.79 0.00
CA PHE A 681 -44.73 33.21 -1.29
C PHE A 681 -45.09 32.02 -2.17
N ASN A 682 -44.50 30.86 -1.93
CA ASN A 682 -44.85 29.65 -2.67
C ASN A 682 -45.46 28.64 -1.71
N GLN A 683 -46.71 28.25 -1.97
CA GLN A 683 -47.38 27.30 -1.10
C GLN A 683 -46.91 25.87 -1.35
N GLU A 684 -46.56 25.56 -2.59
CA GLU A 684 -46.15 24.20 -2.93
C GLU A 684 -44.64 24.04 -2.74
N PRO A 685 -44.19 23.08 -1.94
CA PRO A 685 -42.74 22.85 -1.79
C PRO A 685 -42.19 22.17 -3.03
N GLY A 686 -41.43 22.91 -3.82
CA GLY A 686 -40.83 22.39 -5.03
C GLY A 686 -39.45 21.79 -4.77
N ARG A 687 -38.83 21.35 -5.87
CA ARG A 687 -37.47 20.83 -5.80
C ARG A 687 -36.45 21.93 -5.55
N LEU A 688 -36.72 23.15 -6.03
CA LEU A 688 -35.86 24.28 -5.71
C LEU A 688 -35.89 24.61 -4.22
N TYR A 689 -37.04 24.38 -3.57
CA TYR A 689 -37.08 24.54 -2.11
C TYR A 689 -36.23 23.48 -1.43
N VAL A 690 -36.21 22.27 -1.99
CA VAL A 690 -35.38 21.20 -1.46
C VAL A 690 -33.89 21.52 -1.62
N GLU A 691 -33.51 22.01 -2.79
CA GLU A 691 -32.12 22.40 -3.05
C GLU A 691 -31.70 23.56 -2.16
N LEU A 692 -32.61 24.52 -1.94
CA LEU A 692 -32.27 25.67 -1.09
C LEU A 692 -32.18 25.28 0.37
N GLN A 693 -33.02 24.33 0.81
CA GLN A 693 -32.94 23.85 2.18
C GLN A 693 -31.67 23.04 2.40
N PHE A 694 -31.25 22.26 1.39
CA PHE A 694 -29.99 21.54 1.49
C PHE A 694 -28.82 22.50 1.60
N PHE A 695 -28.80 23.55 0.76
CA PHE A 695 -27.73 24.53 0.88
C PHE A 695 -27.79 25.31 2.17
N CYS A 696 -28.99 25.54 2.71
CA CYS A 696 -29.12 26.15 4.04
C CYS A 696 -28.47 25.27 5.09
N ALA A 697 -28.68 23.95 5.00
CA ALA A 697 -28.06 23.03 5.95
C ALA A 697 -26.53 23.06 5.83
N VAL A 698 -26.03 23.05 4.59
CA VAL A 698 -24.58 23.03 4.41
C VAL A 698 -23.94 24.34 4.86
N PHE A 699 -24.49 25.48 4.45
CA PHE A 699 -23.90 26.75 4.86
C PHE A 699 -24.29 27.15 6.28
N ASN A 700 -25.17 26.42 6.95
CA ASN A 700 -25.42 26.73 8.34
C ASN A 700 -24.57 25.91 9.30
N PHE A 701 -24.31 24.65 8.98
CA PHE A 701 -23.75 23.75 9.98
C PHE A 701 -22.36 23.24 9.60
N GLY A 702 -21.84 23.66 8.45
CA GLY A 702 -20.46 23.37 8.08
C GLY A 702 -19.58 24.60 8.18
N GLN A 703 -20.05 25.61 8.93
CA GLN A 703 -19.29 26.84 9.12
C GLN A 703 -18.01 26.62 9.93
N GLY A 704 -17.98 25.62 10.82
CA GLY A 704 -16.76 25.32 11.53
C GLY A 704 -15.64 24.85 10.62
N PHE A 705 -15.98 24.16 9.53
CA PHE A 705 -14.97 23.74 8.57
C PHE A 705 -14.31 24.95 7.91
N ILE A 706 -15.13 25.93 7.51
CA ILE A 706 -14.61 27.16 6.89
C ILE A 706 -13.78 27.94 7.91
N SER A 707 -14.25 28.02 9.15
CA SER A 707 -13.50 28.73 10.19
C SER A 707 -12.14 28.07 10.45
N PHE A 708 -12.11 26.72 10.47
CA PHE A 708 -10.84 26.02 10.66
C PHE A 708 -9.92 26.24 9.48
N GLY A 709 -10.47 26.20 8.26
CA GLY A 709 -9.68 26.44 7.07
C GLY A 709 -9.11 27.83 7.00
N ILE A 710 -9.81 28.83 7.56
CA ILE A 710 -9.28 30.19 7.53
C ILE A 710 -8.27 30.42 8.65
N PHE A 711 -8.59 30.03 9.89
CA PHE A 711 -7.76 30.39 11.04
C PHE A 711 -6.78 29.30 11.44
N GLY A 712 -7.25 28.05 11.57
CA GLY A 712 -6.44 27.02 12.20
C GLY A 712 -5.21 26.65 11.42
N LEU A 713 -5.31 26.59 10.09
CA LEU A 713 -4.17 26.27 9.24
C LEU A 713 -3.31 27.52 9.06
N ASP A 714 -2.59 27.85 10.12
CA ASP A 714 -1.71 29.02 10.15
C ASP A 714 -0.52 28.71 11.04
N LYS A 715 0.61 29.36 10.74
CA LYS A 715 1.86 29.10 11.44
C LYS A 715 1.85 29.87 12.76
N HIS A 716 3.01 29.95 13.42
CA HIS A 716 3.22 30.64 14.69
C HIS A 716 2.38 30.06 15.81
N LEU A 717 1.06 30.21 15.72
CA LEU A 717 0.14 29.72 16.74
C LEU A 717 0.12 28.19 16.77
N SER B 36 -6.09 -31.32 3.17
CA SER B 36 -7.03 -30.22 3.36
C SER B 36 -6.34 -28.88 3.09
N MET B 37 -5.02 -28.88 3.14
CA MET B 37 -4.24 -27.68 2.86
C MET B 37 -4.28 -27.40 1.36
N SER B 38 -4.57 -26.15 1.00
CA SER B 38 -4.61 -25.74 -0.41
C SER B 38 -3.18 -25.45 -0.90
N ILE B 39 -2.44 -26.54 -1.06
CA ILE B 39 -1.02 -26.47 -1.39
C ILE B 39 -0.80 -26.11 -2.86
N THR B 40 -1.85 -26.19 -3.69
CA THR B 40 -1.76 -25.76 -5.08
C THR B 40 -1.48 -24.27 -5.19
N ARG B 41 -2.06 -23.45 -4.33
CA ARG B 41 -1.95 -22.01 -4.43
C ARG B 41 -0.92 -21.43 -3.48
N LEU B 42 0.18 -22.14 -3.21
CA LEU B 42 1.25 -21.57 -2.42
C LEU B 42 2.25 -20.82 -3.30
N PHE B 43 2.59 -21.38 -4.46
CA PHE B 43 3.64 -20.80 -5.29
C PHE B 43 3.33 -19.41 -5.85
N PRO B 44 2.09 -19.07 -6.26
CA PRO B 44 1.81 -17.65 -6.55
C PRO B 44 2.02 -16.72 -5.36
N ALA B 45 1.76 -17.20 -4.15
CA ALA B 45 2.02 -16.41 -2.95
C ALA B 45 3.51 -16.21 -2.71
N LEU B 46 4.32 -17.22 -2.95
CA LEU B 46 5.78 -17.07 -2.84
C LEU B 46 6.33 -16.16 -3.94
N LEU B 47 5.63 -16.00 -5.06
CA LEU B 47 6.05 -15.03 -6.05
C LEU B 47 5.74 -13.60 -5.59
N GLU B 48 4.58 -13.38 -4.98
CA GLU B 48 4.27 -12.05 -4.49
C GLU B 48 5.23 -11.65 -3.38
N CYS B 49 5.44 -12.54 -2.41
CA CYS B 49 6.14 -12.14 -1.19
C CYS B 49 7.63 -11.90 -1.44
N PHE B 50 8.20 -12.56 -2.44
CA PHE B 50 9.61 -12.36 -2.78
C PHE B 50 9.84 -11.59 -4.06
N GLY B 51 8.83 -11.42 -4.92
CA GLY B 51 9.00 -10.54 -6.05
C GLY B 51 8.97 -9.08 -5.67
N ILE B 52 8.14 -8.71 -4.69
CA ILE B 52 8.15 -7.34 -4.20
C ILE B 52 9.43 -7.05 -3.42
N VAL B 53 9.95 -8.04 -2.69
CA VAL B 53 11.24 -7.87 -2.02
C VAL B 53 12.36 -7.70 -3.06
N LEU B 54 12.29 -8.50 -4.13
CA LEU B 54 13.26 -8.37 -5.22
C LEU B 54 13.12 -7.04 -5.93
N CYS B 55 11.88 -6.56 -6.10
CA CYS B 55 11.66 -5.25 -6.70
C CYS B 55 12.26 -4.15 -5.83
N GLY B 56 12.08 -4.25 -4.51
CA GLY B 56 12.70 -3.27 -3.63
C GLY B 56 14.21 -3.31 -3.64
N TYR B 57 14.81 -4.50 -3.72
CA TYR B 57 16.26 -4.63 -3.75
C TYR B 57 16.88 -4.11 -5.04
N ILE B 58 16.25 -4.36 -6.20
CA ILE B 58 16.79 -3.83 -7.46
C ILE B 58 16.74 -2.31 -7.48
N ALA B 59 15.63 -1.72 -7.02
CA ALA B 59 15.52 -0.26 -6.97
C ALA B 59 16.50 0.33 -5.97
N GLY B 60 16.76 -0.40 -4.89
CA GLY B 60 17.73 0.04 -3.90
C GLY B 60 19.16 0.02 -4.37
N ARG B 61 19.59 -1.07 -5.03
CA ARG B 61 20.98 -1.21 -5.43
C ARG B 61 21.28 -0.32 -6.63
N ALA B 62 20.32 -0.17 -7.55
CA ALA B 62 20.51 0.62 -8.76
C ALA B 62 20.98 2.04 -8.45
N ASN B 63 20.10 2.80 -7.77
CA ASN B 63 20.23 4.16 -7.22
C ASN B 63 18.89 4.87 -7.30
N VAL B 64 17.82 4.11 -7.55
CA VAL B 64 16.50 4.71 -7.69
C VAL B 64 16.06 5.34 -6.37
N ILE B 65 16.23 4.61 -5.27
CA ILE B 65 15.95 5.12 -3.93
C ILE B 65 17.21 4.93 -3.10
N THR B 66 17.80 6.03 -2.65
CA THR B 66 19.04 5.96 -1.89
C THR B 66 18.74 5.62 -0.42
N SER B 67 19.74 5.75 0.44
CA SER B 67 19.57 5.35 1.84
C SER B 67 18.73 6.35 2.62
N THR B 68 18.92 7.65 2.38
CA THR B 68 18.19 8.66 3.13
C THR B 68 16.71 8.64 2.79
N GLN B 69 16.38 8.40 1.52
CA GLN B 69 15.02 8.31 1.01
C GLN B 69 14.32 7.02 1.40
N ALA B 70 15.06 5.91 1.54
CA ALA B 70 14.49 4.67 2.05
C ALA B 70 13.97 4.80 3.48
N LYS B 71 14.55 5.70 4.28
CA LYS B 71 14.04 5.98 5.61
C LYS B 71 12.63 6.54 5.62
N GLY B 72 12.27 7.38 4.65
CA GLY B 72 10.90 7.88 4.60
C GLY B 72 9.87 6.83 4.25
N LEU B 73 10.21 5.92 3.33
CA LEU B 73 9.31 4.81 3.05
C LEU B 73 9.14 3.93 4.29
N GLY B 74 10.22 3.71 5.03
CA GLY B 74 10.11 2.97 6.27
C GLY B 74 9.34 3.72 7.34
N ASN B 75 9.45 5.05 7.36
CA ASN B 75 8.67 5.86 8.28
C ASN B 75 7.18 5.73 8.03
N PHE B 76 6.75 5.76 6.76
CA PHE B 76 5.34 5.53 6.45
C PHE B 76 4.87 4.16 6.91
N VAL B 77 5.64 3.11 6.59
CA VAL B 77 5.22 1.75 6.90
C VAL B 77 5.18 1.50 8.40
N SER B 78 6.22 1.92 9.12
CA SER B 78 6.33 1.59 10.54
C SER B 78 5.51 2.53 11.43
N ARG B 79 5.06 3.67 10.90
CA ARG B 79 4.28 4.55 11.77
C ARG B 79 2.83 4.73 11.34
N PHE B 80 2.50 4.46 10.08
CA PHE B 80 1.15 4.72 9.59
C PHE B 80 0.45 3.48 9.05
N ALA B 81 1.15 2.64 8.27
CA ALA B 81 0.47 1.49 7.69
C ALA B 81 0.34 0.35 8.68
N LEU B 82 1.44 0.03 9.39
CA LEU B 82 1.38 -1.07 10.36
C LEU B 82 0.44 -0.81 11.54
N PRO B 83 0.44 0.35 12.20
CA PRO B 83 -0.57 0.56 13.26
C PRO B 83 -2.00 0.52 12.78
N ALA B 84 -2.28 1.01 11.57
CA ALA B 84 -3.62 0.93 11.02
C ALA B 84 -4.02 -0.50 10.68
N LEU B 85 -3.06 -1.28 10.17
CA LEU B 85 -3.31 -2.68 9.88
C LEU B 85 -3.64 -3.49 11.13
N LEU B 86 -2.84 -3.34 12.19
CA LEU B 86 -3.09 -4.09 13.42
C LEU B 86 -4.42 -3.75 14.06
N PHE B 87 -4.80 -2.48 14.06
CA PHE B 87 -6.05 -2.07 14.69
C PHE B 87 -7.28 -2.62 13.99
N LYS B 88 -7.28 -2.64 12.65
CA LYS B 88 -8.43 -3.19 11.92
C LYS B 88 -8.66 -4.69 12.13
N ASN B 89 -7.64 -5.53 11.97
CA ASN B 89 -7.96 -6.96 12.04
C ASN B 89 -8.24 -7.53 13.43
N MET B 90 -7.86 -6.86 14.53
CA MET B 90 -8.27 -7.39 15.82
C MET B 90 -9.58 -6.86 16.39
N VAL B 91 -10.08 -5.72 15.93
CA VAL B 91 -11.42 -5.32 16.36
C VAL B 91 -12.46 -6.23 15.71
N VAL B 92 -12.13 -6.82 14.57
CA VAL B 92 -13.10 -7.58 13.79
C VAL B 92 -13.07 -9.05 14.18
N LEU B 93 -11.94 -9.53 14.70
CA LEU B 93 -11.81 -10.96 14.99
C LEU B 93 -12.56 -11.32 16.26
N ASN B 94 -13.02 -12.57 16.31
CA ASN B 94 -13.84 -13.07 17.39
C ASN B 94 -12.97 -13.81 18.39
N PHE B 95 -13.00 -13.37 19.65
CA PHE B 95 -12.24 -14.04 20.71
C PHE B 95 -12.93 -15.31 21.19
N SER B 96 -14.19 -15.54 20.79
CA SER B 96 -14.93 -16.68 21.31
C SER B 96 -14.49 -17.99 20.66
N ASN B 97 -14.08 -17.94 19.40
CA ASN B 97 -13.74 -19.17 18.68
C ASN B 97 -12.25 -19.38 18.51
N VAL B 98 -11.42 -18.66 19.27
CA VAL B 98 -9.97 -18.83 19.16
C VAL B 98 -9.57 -20.03 19.99
N ASP B 99 -8.92 -21.00 19.36
CA ASP B 99 -8.42 -22.20 20.04
C ASP B 99 -7.22 -21.74 20.86
N TRP B 100 -7.44 -21.59 22.17
CA TRP B 100 -6.36 -21.11 23.03
C TRP B 100 -5.28 -22.18 23.22
N SER B 101 -5.62 -23.46 23.02
CA SER B 101 -4.65 -24.53 23.25
C SER B 101 -3.48 -24.37 22.29
N PHE B 102 -3.79 -24.10 21.02
CA PHE B 102 -2.78 -23.77 20.02
C PHE B 102 -1.98 -22.54 20.42
N LEU B 103 -2.63 -21.55 21.02
CA LEU B 103 -1.96 -20.29 21.34
C LEU B 103 -0.85 -20.47 22.37
N TYR B 104 -1.10 -21.16 23.48
CA TYR B 104 0.00 -21.26 24.43
C TYR B 104 0.96 -22.39 24.05
N SER B 105 0.54 -23.31 23.18
CA SER B 105 1.48 -24.27 22.61
C SER B 105 2.48 -23.63 21.66
N ILE B 106 2.02 -22.76 20.76
CA ILE B 106 2.93 -22.04 19.88
C ILE B 106 3.88 -21.14 20.67
N LEU B 107 3.37 -20.43 21.68
CA LEU B 107 4.21 -19.60 22.53
C LEU B 107 5.22 -20.33 23.42
N ILE B 108 4.90 -21.53 23.93
CA ILE B 108 5.92 -22.26 24.69
C ILE B 108 7.08 -22.68 23.78
N ALA B 109 6.77 -23.05 22.54
CA ALA B 109 7.82 -23.39 21.58
C ALA B 109 8.73 -22.21 21.32
N LYS B 110 8.17 -21.02 21.12
CA LYS B 110 9.01 -19.83 20.92
C LYS B 110 9.80 -19.53 22.19
N ALA B 111 9.17 -19.71 23.36
CA ALA B 111 9.85 -19.52 24.63
C ALA B 111 10.96 -20.54 24.84
N SER B 112 10.72 -21.79 24.43
CA SER B 112 11.74 -22.83 24.55
C SER B 112 12.96 -22.54 23.67
N VAL B 113 12.73 -22.08 22.44
CA VAL B 113 13.83 -21.73 21.56
C VAL B 113 14.64 -20.59 22.16
N PHE B 114 13.94 -19.58 22.68
CA PHE B 114 14.59 -18.47 23.35
C PHE B 114 15.41 -18.96 24.54
N PHE B 115 14.85 -19.90 25.32
CA PHE B 115 15.52 -20.40 26.51
C PHE B 115 16.83 -21.12 26.17
N ILE B 116 16.84 -22.01 25.18
CA ILE B 116 18.06 -22.75 24.89
C ILE B 116 19.12 -21.84 24.29
N VAL B 117 18.73 -20.92 23.41
CA VAL B 117 19.70 -20.03 22.77
C VAL B 117 20.32 -19.09 23.80
N CYS B 118 19.51 -18.60 24.73
CA CYS B 118 20.02 -17.77 25.82
C CYS B 118 20.98 -18.53 26.74
N VAL B 119 20.73 -19.81 27.00
CA VAL B 119 21.56 -20.57 27.95
C VAL B 119 22.99 -20.75 27.44
N LEU B 120 23.15 -21.22 26.21
CA LEU B 120 24.49 -21.46 25.68
C LEU B 120 25.21 -20.16 25.31
N THR B 121 24.48 -19.07 25.06
CA THR B 121 25.15 -17.79 24.83
C THR B 121 25.86 -17.26 26.07
N LEU B 122 25.35 -17.53 27.27
CA LEU B 122 26.11 -17.13 28.46
C LEU B 122 27.35 -18.00 28.68
N LEU B 123 27.26 -19.30 28.41
CA LEU B 123 28.41 -20.16 28.65
C LEU B 123 29.55 -19.92 27.65
N VAL B 124 29.26 -19.87 26.35
CA VAL B 124 30.31 -20.03 25.35
C VAL B 124 30.87 -18.71 24.85
N ALA B 125 30.25 -17.59 25.16
CA ALA B 125 30.69 -16.31 24.62
C ALA B 125 31.85 -15.74 25.45
N SER B 126 32.51 -14.74 24.87
CA SER B 126 33.61 -14.08 25.55
C SER B 126 33.08 -13.24 26.72
N PRO B 127 33.82 -13.20 27.84
CA PRO B 127 33.29 -12.53 29.04
C PRO B 127 33.02 -11.04 28.87
N ASP B 128 33.70 -10.38 27.93
CA ASP B 128 33.51 -8.94 27.76
C ASP B 128 32.18 -8.63 27.08
N SER B 129 31.56 -9.61 26.45
CA SER B 129 30.33 -9.39 25.68
C SER B 129 29.29 -10.49 25.88
N ARG B 130 29.22 -11.09 27.08
CA ARG B 130 28.25 -12.15 27.29
C ARG B 130 26.83 -11.61 27.34
N PHE B 131 26.66 -10.38 27.82
CA PHE B 131 25.32 -9.88 28.02
C PHE B 131 24.68 -9.34 26.74
N SER B 132 25.47 -8.66 25.90
CA SER B 132 24.95 -8.17 24.63
C SER B 132 24.56 -9.31 23.69
N LYS B 133 25.40 -10.35 23.60
CA LYS B 133 25.06 -11.49 22.75
C LYS B 133 23.87 -12.28 23.29
N ALA B 134 23.82 -12.49 24.62
CA ALA B 134 22.69 -13.19 25.22
C ALA B 134 21.40 -12.41 25.17
N GLY B 135 21.47 -11.09 24.97
CA GLY B 135 20.27 -10.31 24.84
C GLY B 135 19.82 -10.06 23.41
N LEU B 136 20.73 -10.20 22.45
CA LEU B 136 20.35 -9.91 21.07
C LEU B 136 20.20 -11.17 20.22
N PHE B 137 21.01 -12.20 20.48
CA PHE B 137 20.84 -13.44 19.71
C PHE B 137 19.52 -14.17 19.94
N PRO B 138 19.04 -14.41 21.17
CA PRO B 138 17.74 -15.07 21.32
C PRO B 138 16.51 -14.25 20.94
N ILE B 139 16.57 -12.91 20.98
CA ILE B 139 15.48 -12.13 20.41
C ILE B 139 15.48 -12.26 18.89
N PHE B 140 16.66 -12.32 18.29
CA PHE B 140 16.81 -12.49 16.84
C PHE B 140 16.29 -13.83 16.36
N ALA B 141 16.39 -14.87 17.19
CA ALA B 141 15.98 -16.21 16.81
C ALA B 141 14.53 -16.51 17.15
N THR B 142 13.74 -15.48 17.47
CA THR B 142 12.37 -15.75 17.92
C THR B 142 11.30 -14.93 17.22
N GLN B 143 11.61 -13.74 16.69
CA GLN B 143 10.59 -12.92 16.05
C GLN B 143 10.60 -13.14 14.54
N SER B 144 9.58 -13.83 14.05
CA SER B 144 9.40 -14.08 12.62
C SER B 144 8.85 -12.85 11.93
N ASN B 145 8.89 -12.88 10.60
CA ASN B 145 8.29 -11.84 9.76
C ASN B 145 6.83 -12.21 9.45
N ASP B 146 6.00 -12.04 10.47
CA ASP B 146 4.63 -12.56 10.39
C ASP B 146 3.69 -11.58 9.68
N PHE B 147 3.84 -10.28 9.96
CA PHE B 147 2.90 -9.32 9.38
C PHE B 147 3.19 -9.05 7.92
N ALA B 148 4.45 -9.08 7.52
CA ALA B 148 4.83 -8.76 6.15
C ALA B 148 4.89 -10.00 5.27
N LEU B 149 5.60 -11.03 5.70
CA LEU B 149 5.84 -12.24 4.90
C LEU B 149 4.92 -13.38 5.27
N GLY B 150 4.67 -13.59 6.56
CA GLY B 150 3.86 -14.70 7.00
C GLY B 150 2.39 -14.55 6.62
N TYR B 151 1.86 -13.34 6.71
CA TYR B 151 0.43 -13.11 6.47
C TYR B 151 -0.04 -13.41 5.05
N PRO B 152 0.66 -13.02 3.97
CA PRO B 152 0.17 -13.44 2.64
C PRO B 152 0.27 -14.94 2.38
N ILE B 153 1.27 -15.63 2.93
CA ILE B 153 1.39 -17.06 2.70
C ILE B 153 0.27 -17.83 3.40
N VAL B 154 -0.02 -17.47 4.66
CA VAL B 154 -1.13 -18.09 5.37
C VAL B 154 -2.46 -17.73 4.73
N GLU B 155 -2.58 -16.50 4.21
CA GLU B 155 -3.81 -16.12 3.50
C GLU B 155 -4.04 -16.96 2.26
N ALA B 156 -2.99 -17.26 1.50
CA ALA B 156 -3.19 -18.09 0.32
C ALA B 156 -3.53 -19.53 0.66
N LEU B 157 -2.88 -20.11 1.67
CA LEU B 157 -3.10 -21.51 2.00
C LEU B 157 -4.36 -21.76 2.82
N TYR B 158 -4.93 -20.74 3.47
CA TYR B 158 -5.95 -20.97 4.49
C TYR B 158 -7.08 -19.96 4.39
N GLN B 159 -7.59 -19.72 3.19
CA GLN B 159 -8.78 -18.88 3.02
C GLN B 159 -10.02 -19.68 2.67
N THR B 160 -9.94 -20.58 1.70
CA THR B 160 -11.13 -21.24 1.21
C THR B 160 -11.42 -22.55 1.93
N THR B 161 -10.44 -23.06 2.69
CA THR B 161 -10.61 -24.34 3.37
C THR B 161 -10.71 -24.18 4.89
N TYR B 162 -9.78 -23.44 5.49
CA TYR B 162 -9.77 -23.22 6.93
C TYR B 162 -9.58 -21.73 7.18
N PRO B 163 -10.65 -20.94 7.11
CA PRO B 163 -10.48 -19.48 7.20
C PRO B 163 -10.21 -18.98 8.60
N GLU B 164 -10.35 -19.81 9.64
CA GLU B 164 -10.14 -19.33 10.99
C GLU B 164 -8.67 -19.33 11.38
N TYR B 165 -7.79 -19.84 10.52
CA TYR B 165 -6.37 -19.86 10.82
C TYR B 165 -5.65 -18.56 10.51
N LEU B 166 -6.32 -17.61 9.84
CA LEU B 166 -5.63 -16.39 9.45
C LEU B 166 -5.46 -15.44 10.62
N GLN B 167 -6.32 -15.50 11.62
CA GLN B 167 -6.27 -14.59 12.76
C GLN B 167 -5.14 -14.92 13.72
N TYR B 168 -4.55 -16.11 13.62
CA TYR B 168 -3.46 -16.52 14.49
C TYR B 168 -2.16 -15.76 14.23
N ILE B 169 -2.00 -15.16 13.05
CA ILE B 169 -0.81 -14.34 12.80
C ILE B 169 -0.79 -13.12 13.71
N TYR B 170 -1.88 -12.37 13.73
CA TYR B 170 -2.07 -11.19 14.55
C TYR B 170 -2.19 -11.50 16.04
N LEU B 171 -2.50 -12.73 16.44
CA LEU B 171 -2.47 -13.11 17.85
C LEU B 171 -1.09 -13.48 18.38
N VAL B 172 -0.28 -14.24 17.64
CA VAL B 172 0.92 -14.82 18.25
C VAL B 172 2.08 -13.83 18.23
N ALA B 173 2.30 -13.15 17.10
CA ALA B 173 3.47 -12.27 16.99
C ALA B 173 3.52 -11.15 18.02
N PRO B 174 2.44 -10.40 18.33
CA PRO B 174 2.58 -9.41 19.41
C PRO B 174 2.64 -10.00 20.81
N ILE B 175 1.94 -11.11 21.07
CA ILE B 175 2.03 -11.76 22.37
C ILE B 175 3.42 -12.33 22.61
N SER B 176 4.04 -12.90 21.57
CA SER B 176 5.41 -13.36 21.67
C SER B 176 6.37 -12.22 21.95
N LEU B 177 6.16 -11.07 21.33
CA LEU B 177 6.95 -9.87 21.58
C LEU B 177 6.90 -9.40 23.04
N MET B 178 5.70 -9.25 23.63
CA MET B 178 5.63 -8.70 24.98
C MET B 178 6.21 -9.64 26.05
N MET B 179 6.11 -10.96 25.88
CA MET B 179 6.58 -11.80 26.98
C MET B 179 8.00 -12.33 26.77
N LEU B 180 8.62 -12.12 25.62
CA LEU B 180 9.97 -12.60 25.41
C LEU B 180 11.01 -11.52 25.17
N ASN B 181 10.64 -10.42 24.49
CA ASN B 181 11.64 -9.38 24.24
C ASN B 181 12.17 -8.72 25.50
N PRO B 182 11.37 -8.43 26.55
CA PRO B 182 11.95 -7.82 27.75
C PRO B 182 12.98 -8.68 28.45
N ILE B 183 12.84 -10.02 28.40
CA ILE B 183 13.82 -10.90 29.03
C ILE B 183 15.18 -10.75 28.37
N GLY B 184 15.20 -10.67 27.03
CA GLY B 184 16.42 -10.38 26.32
C GLY B 184 16.94 -8.99 26.60
N PHE B 185 16.03 -8.01 26.66
CA PHE B 185 16.37 -6.61 26.84
C PHE B 185 17.00 -6.31 28.19
N ILE B 186 16.68 -7.09 29.23
CA ILE B 186 17.36 -6.95 30.51
C ILE B 186 18.85 -7.19 30.37
N PHE B 187 19.24 -8.21 29.58
CA PHE B 187 20.65 -8.53 29.44
C PHE B 187 21.42 -7.45 28.68
N CYS B 188 20.84 -6.90 27.61
CA CYS B 188 21.53 -5.84 26.88
C CYS B 188 21.66 -4.56 27.71
N GLU B 189 20.69 -4.29 28.59
CA GLU B 189 20.82 -3.11 29.44
C GLU B 189 21.85 -3.30 30.55
N ILE B 190 22.10 -4.54 30.96
CA ILE B 190 23.23 -4.80 31.86
C ILE B 190 24.54 -4.48 31.16
N GLN B 191 24.64 -4.83 29.87
CA GLN B 191 25.83 -4.50 29.10
C GLN B 191 25.97 -2.99 28.94
N LYS B 192 24.84 -2.29 28.81
CA LYS B 192 24.91 -0.83 28.79
C LYS B 192 25.28 -0.29 30.16
N TRP B 193 24.84 -0.98 31.22
CA TRP B 193 25.22 -0.61 32.58
C TRP B 193 26.70 -0.83 32.84
N LYS B 194 27.28 -1.85 32.19
CA LYS B 194 28.66 -2.24 32.45
C LYS B 194 29.62 -1.11 32.13
N ASP B 195 29.40 -0.41 31.02
CA ASP B 195 30.29 0.68 30.61
C ASP B 195 30.23 1.86 31.57
N THR B 196 29.04 2.21 32.05
CA THR B 196 28.88 3.31 33.00
C THR B 196 29.45 2.94 34.37
N ASN B 202 18.89 -1.01 42.23
CA ASN B 202 18.86 -0.24 40.99
C ASN B 202 18.15 -1.05 39.90
N LYS B 203 17.55 -2.17 40.29
CA LYS B 203 16.95 -3.09 39.31
C LYS B 203 15.79 -2.44 38.58
N ILE B 204 15.13 -1.45 39.20
CA ILE B 204 14.08 -0.70 38.52
C ILE B 204 14.66 0.04 37.33
N LYS B 205 15.83 0.66 37.52
CA LYS B 205 16.48 1.46 36.49
C LYS B 205 16.79 0.64 35.24
N ILE B 206 17.05 -0.67 35.40
CA ILE B 206 17.41 -1.47 34.24
C ILE B 206 16.18 -2.16 33.65
N VAL B 207 15.37 -2.79 34.49
CA VAL B 207 14.23 -3.53 33.95
C VAL B 207 13.11 -2.61 33.44
N GLY B 208 12.98 -1.40 33.99
CA GLY B 208 12.00 -0.47 33.44
C GLY B 208 12.41 0.17 32.12
N LEU B 209 13.71 0.32 31.87
CA LEU B 209 14.13 0.80 30.55
C LEU B 209 13.81 -0.22 29.45
N GLY B 210 14.10 -1.50 29.68
CA GLY B 210 13.73 -2.51 28.70
C GLY B 210 12.23 -2.63 28.54
N LEU B 211 11.49 -2.56 29.65
CA LEU B 211 10.04 -2.64 29.60
C LEU B 211 9.41 -1.45 28.89
N LEU B 212 9.91 -0.23 29.12
CA LEU B 212 9.30 0.92 28.49
C LEU B 212 9.62 1.06 27.01
N ARG B 213 10.76 0.54 26.54
CA ARG B 213 11.01 0.48 25.11
C ARG B 213 10.09 -0.48 24.37
N VAL B 214 9.69 -1.62 24.96
CA VAL B 214 8.74 -2.49 24.26
C VAL B 214 7.36 -1.82 24.07
N LEU B 215 6.80 -1.11 25.05
CA LEU B 215 5.48 -0.56 24.78
C LEU B 215 5.54 0.61 23.81
N GLN B 216 6.74 1.13 23.55
CA GLN B 216 6.92 2.15 22.54
C GLN B 216 6.93 1.57 21.14
N ASN B 217 7.01 0.25 21.01
CA ASN B 217 6.87 -0.39 19.72
C ASN B 217 5.44 -0.21 19.23
N PRO B 218 5.24 0.15 17.95
CA PRO B 218 3.87 0.33 17.45
C PRO B 218 3.02 -0.92 17.53
N ILE B 219 3.64 -2.10 17.40
CA ILE B 219 2.90 -3.35 17.49
C ILE B 219 2.28 -3.54 18.87
N VAL B 220 3.04 -3.23 19.92
CA VAL B 220 2.60 -3.55 21.28
C VAL B 220 1.42 -2.69 21.73
N PHE B 221 1.53 -1.36 21.63
CA PHE B 221 0.44 -0.53 22.13
C PHE B 221 -0.77 -0.45 21.19
N MET B 222 -0.59 -0.72 19.90
CA MET B 222 -1.75 -0.83 19.01
C MET B 222 -2.55 -2.10 19.27
N VAL B 223 -1.90 -3.17 19.71
CA VAL B 223 -2.61 -4.37 20.09
C VAL B 223 -3.37 -4.15 21.40
N PHE B 224 -2.82 -3.34 22.30
CA PHE B 224 -3.56 -2.99 23.52
C PHE B 224 -4.84 -2.22 23.20
N ILE B 225 -4.78 -1.22 22.31
CA ILE B 225 -5.99 -0.48 21.97
C ILE B 225 -7.01 -1.34 21.20
N GLY B 226 -6.56 -2.22 20.30
CA GLY B 226 -7.50 -3.09 19.60
C GLY B 226 -8.23 -4.10 20.46
N ILE B 227 -7.56 -4.65 21.48
CA ILE B 227 -8.28 -5.55 22.40
C ILE B 227 -9.36 -4.77 23.16
N ALA B 228 -9.04 -3.55 23.61
CA ALA B 228 -10.02 -2.72 24.31
C ALA B 228 -11.19 -2.36 23.41
N PHE B 229 -10.91 -1.94 22.17
CA PHE B 229 -11.96 -1.53 21.26
C PHE B 229 -12.75 -2.71 20.70
N ASN B 230 -12.24 -3.94 20.85
CA ASN B 230 -13.02 -5.11 20.50
C ASN B 230 -14.22 -5.26 21.43
N PHE B 231 -14.05 -4.90 22.70
CA PHE B 231 -15.15 -4.97 23.66
C PHE B 231 -16.01 -3.70 23.68
N ILE B 232 -15.47 -2.55 23.30
CA ILE B 232 -16.25 -1.32 23.32
C ILE B 232 -17.29 -1.28 22.20
N LEU B 233 -16.89 -1.47 20.94
CA LEU B 233 -17.86 -1.42 19.85
C LEU B 233 -18.47 -2.77 19.50
N ASP B 234 -18.07 -3.84 20.19
CA ASP B 234 -18.59 -5.20 20.00
C ASP B 234 -18.36 -5.64 18.55
N ARG B 235 -17.09 -5.81 18.21
CA ARG B 235 -16.61 -6.49 17.02
C ARG B 235 -17.03 -5.76 15.73
N LYS B 236 -17.31 -4.45 15.88
CA LYS B 236 -17.69 -3.67 14.70
C LYS B 236 -17.01 -2.30 14.63
N VAL B 237 -16.23 -2.07 13.59
CA VAL B 237 -15.75 -0.72 13.28
C VAL B 237 -16.91 0.09 12.69
N PRO B 238 -16.95 1.39 12.94
CA PRO B 238 -18.00 2.22 12.33
C PRO B 238 -17.84 2.28 10.81
N VAL B 239 -18.97 2.46 10.13
CA VAL B 239 -18.99 2.50 8.67
C VAL B 239 -18.20 3.70 8.15
N TYR B 240 -18.14 4.78 8.92
CA TYR B 240 -17.37 5.95 8.51
C TYR B 240 -15.88 5.70 8.62
N VAL B 241 -15.48 4.70 9.41
CA VAL B 241 -14.08 4.43 9.68
C VAL B 241 -13.61 3.17 8.94
N GLU B 242 -14.56 2.39 8.41
CA GLU B 242 -14.24 1.11 7.78
C GLU B 242 -13.32 1.29 6.57
N ASN B 243 -13.65 2.24 5.70
CA ASN B 243 -12.87 2.45 4.49
C ASN B 243 -11.50 3.07 4.76
N PHE B 244 -11.39 3.94 5.78
CA PHE B 244 -10.08 4.51 6.11
C PHE B 244 -9.10 3.46 6.60
N LEU B 245 -9.55 2.54 7.46
CA LEU B 245 -8.65 1.49 7.93
C LEU B 245 -8.31 0.49 6.83
N ASP B 246 -9.25 0.21 5.93
CA ASP B 246 -8.97 -0.66 4.80
C ASP B 246 -7.97 -0.05 3.83
N GLY B 247 -8.09 1.26 3.55
CA GLY B 247 -7.15 1.88 2.65
C GLY B 247 -5.74 1.97 3.20
N LEU B 248 -5.61 2.21 4.49
CA LEU B 248 -4.29 2.23 5.13
C LEU B 248 -3.77 0.83 5.44
N GLY B 249 -4.66 -0.15 5.59
CA GLY B 249 -4.20 -1.49 5.94
C GLY B 249 -3.83 -2.32 4.74
N ASN B 250 -4.47 -2.07 3.59
CA ASN B 250 -4.10 -2.75 2.37
C ASN B 250 -2.81 -2.20 1.78
N SER B 251 -2.33 -1.05 2.25
CA SER B 251 -1.09 -0.50 1.74
C SER B 251 0.12 -1.02 2.53
N PHE B 252 -0.11 -1.80 3.58
CA PHE B 252 1.00 -2.43 4.27
C PHE B 252 1.46 -3.69 3.55
N SER B 253 0.50 -4.43 2.97
CA SER B 253 0.77 -5.77 2.47
C SER B 253 1.67 -5.78 1.25
N GLY B 254 2.03 -4.61 0.71
CA GLY B 254 2.86 -4.51 -0.47
C GLY B 254 4.09 -3.67 -0.23
N SER B 255 3.89 -2.55 0.46
CA SER B 255 4.93 -1.58 0.82
C SER B 255 5.94 -2.05 1.86
N ALA B 256 5.54 -2.92 2.80
CA ALA B 256 6.49 -3.41 3.80
C ALA B 256 7.53 -4.35 3.20
N LEU B 257 7.11 -5.24 2.29
CA LEU B 257 8.06 -6.11 1.60
C LEU B 257 8.98 -5.30 0.71
N PHE B 258 8.46 -4.24 0.10
CA PHE B 258 9.33 -3.38 -0.72
C PHE B 258 10.38 -2.71 0.15
N TYR B 259 9.99 -2.22 1.33
CA TYR B 259 10.99 -1.64 2.21
C TYR B 259 11.93 -2.68 2.77
N LEU B 260 11.45 -3.91 3.00
CA LEU B 260 12.35 -4.98 3.38
C LEU B 260 13.36 -5.28 2.29
N GLY B 261 12.91 -5.31 1.04
CA GLY B 261 13.88 -5.47 -0.04
C GLY B 261 14.82 -4.28 -0.19
N LEU B 262 14.31 -3.07 0.01
CA LEU B 262 15.15 -1.88 -0.06
C LEU B 262 16.16 -1.75 1.09
N THR B 263 15.87 -2.30 2.27
CA THR B 263 16.81 -2.17 3.39
C THR B 263 18.09 -2.97 3.24
N MET B 264 18.09 -4.07 2.46
CA MET B 264 19.18 -5.02 2.47
C MET B 264 20.32 -4.67 1.51
N VAL B 265 20.30 -3.48 0.91
CA VAL B 265 21.29 -3.16 -0.11
C VAL B 265 22.64 -2.90 0.53
N GLY B 266 23.60 -3.77 0.24
CA GLY B 266 24.95 -3.60 0.75
C GLY B 266 25.11 -3.93 2.21
N LYS B 267 24.13 -4.64 2.78
CA LYS B 267 24.13 -4.96 4.20
C LYS B 267 24.75 -6.31 4.54
N ILE B 268 25.18 -7.10 3.54
CA ILE B 268 25.69 -8.42 3.83
C ILE B 268 27.09 -8.35 4.44
N LYS B 269 27.90 -7.39 4.00
CA LYS B 269 29.25 -7.13 4.50
C LYS B 269 30.12 -8.38 4.32
N ARG B 270 31.24 -8.45 5.05
CA ARG B 270 32.05 -9.66 5.11
C ARG B 270 32.31 -9.99 6.57
N LEU B 271 32.33 -11.29 6.89
CA LEU B 271 32.50 -11.75 8.26
C LEU B 271 33.67 -12.73 8.36
N LYS B 272 34.21 -12.84 9.57
CA LYS B 272 35.32 -13.74 9.83
C LYS B 272 34.80 -15.17 10.00
N LYS B 273 35.73 -16.09 10.26
CA LYS B 273 35.35 -17.49 10.46
C LYS B 273 34.45 -17.67 11.68
N SER B 274 34.74 -16.98 12.78
CA SER B 274 34.00 -17.19 14.01
C SER B 274 32.62 -16.54 13.94
N ALA B 275 32.47 -15.50 13.13
CA ALA B 275 31.17 -14.90 12.93
C ALA B 275 30.32 -15.63 11.89
N PHE B 276 30.96 -16.15 10.83
CA PHE B 276 30.29 -17.09 9.93
C PHE B 276 29.75 -18.32 10.68
N VAL B 277 30.52 -18.86 11.62
CA VAL B 277 30.07 -20.08 12.30
C VAL B 277 28.89 -19.80 13.22
N VAL B 278 28.91 -18.70 13.97
CA VAL B 278 27.80 -18.40 14.87
C VAL B 278 26.56 -17.98 14.08
N LEU B 279 26.77 -17.41 12.89
CA LEU B 279 25.64 -17.09 12.02
C LEU B 279 24.96 -18.33 11.45
N ILE B 280 25.74 -19.33 11.02
CA ILE B 280 25.17 -20.60 10.59
C ILE B 280 24.34 -21.23 11.70
N LEU B 281 24.86 -21.21 12.93
CA LEU B 281 24.13 -21.80 14.06
C LEU B 281 22.84 -21.06 14.34
N LEU B 282 22.85 -19.73 14.25
CA LEU B 282 21.66 -18.94 14.53
C LEU B 282 20.59 -19.14 13.46
N ILE B 283 20.97 -19.09 12.18
CA ILE B 283 19.98 -19.28 11.12
C ILE B 283 19.44 -20.70 11.14
N THR B 284 20.29 -21.68 11.47
CA THR B 284 19.82 -23.04 11.66
C THR B 284 18.82 -23.13 12.81
N ALA B 285 19.10 -22.43 13.92
CA ALA B 285 18.19 -22.44 15.05
C ALA B 285 16.82 -21.86 14.68
N LYS B 286 16.80 -20.65 14.11
CA LYS B 286 15.53 -20.01 13.79
C LYS B 286 14.73 -20.78 12.74
N LEU B 287 15.39 -21.28 11.68
CA LEU B 287 14.66 -21.87 10.57
C LEU B 287 14.50 -23.38 10.62
N LEU B 288 15.16 -24.09 11.53
CA LEU B 288 15.06 -25.54 11.57
C LEU B 288 14.48 -26.05 12.89
N VAL B 289 15.09 -25.70 14.02
CA VAL B 289 14.69 -26.40 15.23
C VAL B 289 13.49 -25.70 15.88
N LEU B 290 13.30 -24.41 15.61
CA LEU B 290 12.06 -23.76 16.04
C LEU B 290 10.82 -24.30 15.33
N PRO B 291 10.80 -24.50 13.99
CA PRO B 291 9.61 -25.13 13.40
C PRO B 291 9.35 -26.56 13.84
N LEU B 292 10.40 -27.35 14.04
CA LEU B 292 10.21 -28.72 14.52
C LEU B 292 9.72 -28.75 15.96
N LEU B 293 10.18 -27.82 16.80
CA LEU B 293 9.66 -27.73 18.15
C LEU B 293 8.19 -27.31 18.18
N CYS B 294 7.78 -26.41 17.27
CA CYS B 294 6.39 -26.00 17.20
C CYS B 294 5.46 -27.16 16.83
N ARG B 295 5.83 -27.97 15.84
CA ARG B 295 4.99 -29.13 15.49
C ARG B 295 4.89 -30.15 16.61
N GLU B 296 6.01 -30.44 17.28
CA GLU B 296 5.99 -31.48 18.31
C GLU B 296 5.19 -31.04 19.55
N MET B 297 5.38 -29.80 19.97
CA MET B 297 4.65 -29.28 21.12
C MET B 297 3.18 -28.98 20.85
N VAL B 298 2.80 -28.67 19.62
CA VAL B 298 1.38 -28.48 19.29
C VAL B 298 0.64 -29.81 19.31
N GLU B 299 1.24 -30.87 18.78
CA GLU B 299 0.60 -32.19 18.84
C GLU B 299 0.54 -32.74 20.26
N LEU B 300 1.39 -32.23 21.15
CA LEU B 300 1.40 -32.66 22.54
C LEU B 300 0.39 -31.90 23.39
N LEU B 301 0.12 -30.62 23.09
CA LEU B 301 -0.67 -29.77 24.00
C LEU B 301 -2.11 -29.54 23.52
N ASP B 302 -2.41 -29.71 22.23
CA ASP B 302 -3.80 -29.52 21.82
C ASP B 302 -4.71 -30.64 22.30
N LYS B 303 -4.14 -31.80 22.64
CA LYS B 303 -4.85 -32.98 23.13
C LYS B 303 -5.95 -33.46 22.18
N GLY B 304 -5.70 -33.35 20.87
CA GLY B 304 -6.61 -33.86 19.85
C GLY B 304 -8.03 -33.33 19.93
N ASP B 305 -8.99 -34.26 19.89
CA ASP B 305 -10.43 -33.99 19.99
C ASP B 305 -10.85 -33.05 18.84
N SER B 306 -10.17 -33.19 17.70
CA SER B 306 -10.45 -32.35 16.55
C SER B 306 -10.48 -33.09 15.22
N VAL B 307 -10.15 -34.38 15.18
CA VAL B 307 -10.11 -35.21 13.97
C VAL B 307 -9.27 -34.55 12.88
N VAL B 308 -9.93 -34.07 11.83
CA VAL B 308 -9.26 -33.47 10.70
C VAL B 308 -8.61 -32.14 11.06
N ASN B 309 -9.25 -31.38 11.94
CA ASN B 309 -8.69 -30.13 12.44
C ASN B 309 -7.37 -30.26 13.22
N HIS B 310 -7.20 -31.28 14.07
CA HIS B 310 -5.89 -31.35 14.74
C HIS B 310 -4.75 -31.62 13.77
N THR B 311 -4.97 -32.49 12.77
CA THR B 311 -3.91 -32.78 11.81
C THR B 311 -3.58 -31.55 10.97
N SER B 312 -4.59 -30.81 10.53
CA SER B 312 -4.35 -29.59 9.77
C SER B 312 -3.69 -28.51 10.61
N LEU B 313 -4.07 -28.42 11.89
CA LEU B 313 -3.45 -27.48 12.82
C LEU B 313 -1.98 -27.82 13.08
N SER B 314 -1.64 -29.11 13.12
CA SER B 314 -0.25 -29.52 13.33
C SER B 314 0.62 -29.11 12.16
N ASN B 315 0.13 -29.27 10.93
CA ASN B 315 0.90 -28.86 9.76
C ASN B 315 1.11 -27.36 9.72
N TYR B 316 0.07 -26.59 10.07
CA TYR B 316 0.17 -25.13 10.12
C TYR B 316 1.10 -24.64 11.23
N ALA B 317 1.14 -25.36 12.35
CA ALA B 317 2.05 -24.97 13.44
C ALA B 317 3.51 -25.15 13.05
N PHE B 318 3.82 -26.19 12.29
CA PHE B 318 5.19 -26.38 11.78
C PHE B 318 5.52 -25.26 10.79
N LEU B 319 4.55 -24.86 9.98
CA LEU B 319 4.75 -23.85 8.96
C LEU B 319 5.03 -22.48 9.57
N TYR B 320 4.52 -22.21 10.77
CA TYR B 320 4.69 -20.90 11.39
C TYR B 320 6.14 -20.63 11.73
N GLY B 321 6.88 -21.64 12.19
CA GLY B 321 8.25 -21.40 12.58
C GLY B 321 9.23 -21.21 11.43
N VAL B 322 8.82 -21.55 10.20
CA VAL B 322 9.73 -21.46 9.06
C VAL B 322 9.91 -20.02 8.58
N PHE B 323 9.05 -19.11 9.02
CA PHE B 323 9.12 -17.72 8.57
C PHE B 323 10.44 -17.07 9.02
N PRO B 324 11.05 -16.24 8.18
CA PRO B 324 12.38 -15.69 8.49
C PRO B 324 12.36 -14.61 9.56
N VAL B 325 13.55 -14.12 9.91
CA VAL B 325 13.66 -13.13 10.98
C VAL B 325 13.10 -11.80 10.52
N ALA B 326 12.32 -11.15 11.39
CA ALA B 326 11.72 -9.87 11.06
C ALA B 326 12.80 -8.80 10.94
N PRO B 327 12.62 -7.79 10.09
CA PRO B 327 13.65 -6.75 9.98
C PRO B 327 13.69 -5.82 11.18
N GLY B 328 12.73 -5.92 12.08
CA GLY B 328 12.75 -5.15 13.30
C GLY B 328 13.95 -5.46 14.19
N VAL B 329 14.48 -6.67 14.09
CA VAL B 329 15.67 -7.04 14.86
C VAL B 329 16.89 -6.27 14.41
N ALA B 330 17.07 -6.05 13.10
CA ALA B 330 18.18 -5.21 12.68
C ALA B 330 17.98 -3.78 13.12
N ILE B 331 16.73 -3.31 13.15
CA ILE B 331 16.40 -2.00 13.71
C ILE B 331 16.74 -1.97 15.20
N PHE B 332 16.42 -3.05 15.91
CA PHE B 332 16.66 -3.15 17.35
C PHE B 332 18.15 -3.10 17.68
N ALA B 333 18.98 -3.77 16.88
CA ALA B 333 20.43 -3.72 17.06
C ALA B 333 21.00 -2.34 16.77
N THR B 334 20.34 -1.55 15.92
CA THR B 334 20.81 -0.19 15.65
C THR B 334 20.61 0.74 16.83
N GLN B 335 19.43 0.71 17.47
CA GLN B 335 19.22 1.58 18.62
C GLN B 335 20.09 1.20 19.80
N PHE B 336 20.37 -0.09 19.96
CA PHE B 336 21.31 -0.53 20.98
C PHE B 336 22.77 -0.29 20.60
N ASN B 337 23.09 -0.27 19.31
CA ASN B 337 24.46 -0.17 18.80
C ASN B 337 25.34 -1.26 19.42
N MET B 338 24.86 -2.50 19.39
CA MET B 338 25.60 -3.66 19.87
C MET B 338 25.39 -4.81 18.91
N GLU B 339 26.48 -5.41 18.44
CA GLU B 339 26.47 -6.56 17.54
C GLU B 339 25.65 -6.27 16.28
N VAL B 340 25.85 -5.07 15.72
CA VAL B 340 25.02 -4.62 14.61
C VAL B 340 25.33 -5.40 13.33
N GLU B 341 26.61 -5.74 13.10
CA GLU B 341 26.97 -6.41 11.85
C GLU B 341 26.40 -7.83 11.75
N ILE B 342 26.48 -8.61 12.81
CA ILE B 342 26.03 -10.00 12.81
C ILE B 342 24.51 -10.09 12.67
N ILE B 343 23.77 -9.26 13.42
CA ILE B 343 22.31 -9.32 13.40
C ILE B 343 21.76 -8.81 12.07
N THR B 344 22.35 -7.74 11.51
CA THR B 344 21.88 -7.26 10.22
C THR B 344 22.17 -8.29 9.12
N SER B 345 23.36 -8.90 9.13
CA SER B 345 23.68 -9.95 8.19
C SER B 345 22.78 -11.17 8.39
N GLY B 346 22.43 -11.48 9.65
CA GLY B 346 21.56 -12.61 9.91
C GLY B 346 20.15 -12.41 9.36
N MET B 347 19.66 -11.18 9.43
CA MET B 347 18.31 -10.89 8.93
C MET B 347 18.28 -10.95 7.41
N VAL B 348 19.29 -10.37 6.75
CA VAL B 348 19.33 -10.34 5.29
C VAL B 348 19.64 -11.72 4.74
N ILE B 349 20.18 -12.61 5.58
CA ILE B 349 20.44 -13.98 5.17
C ILE B 349 19.19 -14.85 5.36
N SER B 350 18.46 -14.62 6.47
CA SER B 350 17.31 -15.47 6.77
C SER B 350 16.18 -15.26 5.79
N THR B 351 16.03 -14.04 5.27
CA THR B 351 14.96 -13.80 4.30
C THR B 351 15.25 -14.53 2.99
N PHE B 352 16.50 -14.56 2.57
CA PHE B 352 16.87 -15.28 1.35
C PHE B 352 16.79 -16.79 1.56
N VAL B 353 17.36 -17.28 2.66
CA VAL B 353 17.48 -18.72 2.90
C VAL B 353 16.11 -19.37 3.12
N SER B 354 15.15 -18.64 3.70
CA SER B 354 13.82 -19.17 3.96
C SER B 354 12.97 -19.32 2.71
N ALA B 355 13.36 -18.67 1.60
CA ALA B 355 12.53 -18.71 0.39
C ALA B 355 12.34 -20.13 -0.16
N PRO B 356 13.36 -20.99 -0.26
CA PRO B 356 13.04 -22.38 -0.64
C PRO B 356 12.54 -23.22 0.50
N ILE B 357 12.78 -22.81 1.76
CA ILE B 357 12.42 -23.67 2.88
C ILE B 357 10.91 -23.67 3.07
N MET B 358 10.25 -22.53 2.81
CA MET B 358 8.80 -22.47 2.78
C MET B 358 8.19 -23.42 1.77
N TYR B 359 8.74 -23.45 0.56
CA TYR B 359 8.17 -24.30 -0.49
C TYR B 359 8.33 -25.80 -0.19
N VAL B 360 9.55 -26.23 0.17
CA VAL B 360 9.80 -27.65 0.44
C VAL B 360 9.04 -28.16 1.65
N SER B 361 9.01 -27.40 2.75
CA SER B 361 8.32 -27.84 3.96
C SER B 361 6.82 -27.96 3.76
N ALA B 362 6.20 -26.98 3.09
CA ALA B 362 4.74 -27.02 2.92
C ALA B 362 4.31 -28.14 1.98
N TRP B 363 5.08 -28.37 0.92
CA TRP B 363 4.82 -29.47 0.00
C TRP B 363 5.12 -30.86 0.57
N LEU B 364 6.00 -30.96 1.56
CA LEU B 364 6.23 -32.23 2.25
C LEU B 364 5.07 -32.64 3.15
N LEU B 365 4.38 -31.68 3.77
CA LEU B 365 3.23 -32.00 4.62
C LEU B 365 2.03 -32.54 3.85
N THR B 366 1.79 -32.08 2.62
CA THR B 366 0.63 -32.55 1.88
C THR B 366 0.90 -33.90 1.22
N PHE B 367 2.15 -34.38 1.25
CA PHE B 367 2.49 -35.66 0.64
C PHE B 367 1.78 -36.86 1.25
N PRO B 368 1.69 -37.04 2.60
CA PRO B 368 0.90 -38.17 3.11
C PRO B 368 -0.61 -37.97 2.99
N THR B 369 -1.10 -37.91 1.75
CA THR B 369 -2.51 -37.64 1.48
C THR B 369 -2.80 -38.01 0.03
N MET B 370 -4.06 -37.85 -0.35
CA MET B 370 -4.59 -38.18 -1.69
C MET B 370 -4.26 -39.65 -1.99
N ASP B 371 -3.72 -39.96 -3.16
CA ASP B 371 -3.39 -41.30 -3.60
C ASP B 371 -2.00 -41.29 -4.21
N PRO B 372 -1.34 -42.45 -4.28
CA PRO B 372 -0.02 -42.51 -4.93
C PRO B 372 -0.01 -42.04 -6.37
N LYS B 373 -1.13 -42.14 -7.10
CA LYS B 373 -1.11 -41.77 -8.51
C LYS B 373 -1.11 -40.26 -8.72
N PRO B 374 -1.93 -39.45 -8.02
CA PRO B 374 -1.73 -38.00 -8.15
C PRO B 374 -0.59 -37.47 -7.29
N LEU B 375 0.12 -38.35 -6.56
CA LEU B 375 1.37 -37.93 -5.95
C LEU B 375 2.41 -37.63 -7.01
N ALA B 376 2.32 -38.33 -8.15
CA ALA B 376 3.26 -38.10 -9.25
C ALA B 376 3.06 -36.71 -9.85
N TYR B 377 1.81 -36.27 -9.95
CA TYR B 377 1.55 -34.91 -10.40
C TYR B 377 2.07 -33.90 -9.39
N ALA B 378 2.01 -34.23 -8.10
CA ALA B 378 2.58 -33.34 -7.08
C ALA B 378 4.08 -33.21 -7.22
N ILE B 379 4.79 -34.32 -7.46
CA ILE B 379 6.24 -34.25 -7.67
C ILE B 379 6.56 -33.44 -8.94
N GLN B 380 5.82 -33.64 -10.03
CA GLN B 380 6.05 -32.89 -11.25
C GLN B 380 5.78 -31.40 -11.09
N ASN B 381 4.71 -31.03 -10.37
CA ASN B 381 4.38 -29.62 -10.17
C ASN B 381 5.42 -28.88 -9.33
N VAL B 382 5.95 -29.49 -8.27
CA VAL B 382 6.98 -28.81 -7.48
C VAL B 382 8.25 -28.59 -8.30
N SER B 383 8.68 -29.59 -9.06
CA SER B 383 9.89 -29.44 -9.88
C SER B 383 9.72 -28.40 -10.97
N PHE B 384 8.54 -28.31 -11.58
CA PHE B 384 8.32 -27.25 -12.56
C PHE B 384 8.38 -25.87 -11.92
N ASP B 385 7.74 -25.70 -10.76
CA ASP B 385 7.71 -24.41 -10.08
C ASP B 385 9.07 -23.99 -9.52
N ILE B 386 9.91 -24.92 -9.08
CA ILE B 386 11.26 -24.52 -8.66
C ILE B 386 12.09 -24.14 -9.89
N SER B 387 11.95 -24.85 -11.00
CA SER B 387 12.78 -24.59 -12.17
C SER B 387 12.47 -23.24 -12.81
N ILE B 388 11.24 -22.73 -12.67
CA ILE B 388 10.93 -21.40 -13.16
C ILE B 388 11.79 -20.33 -12.49
N VAL B 389 11.83 -20.33 -11.16
CA VAL B 389 12.60 -19.30 -10.45
C VAL B 389 14.09 -19.50 -10.68
N SER B 390 14.55 -20.75 -10.73
CA SER B 390 15.95 -21.03 -10.97
C SER B 390 16.39 -20.59 -12.36
N LEU B 391 15.55 -20.81 -13.38
CA LEU B 391 15.91 -20.42 -14.75
C LEU B 391 16.00 -18.91 -14.93
N ILE B 392 15.08 -18.14 -14.33
CA ILE B 392 15.12 -16.70 -14.48
C ILE B 392 16.35 -16.12 -13.79
N SER B 393 16.65 -16.59 -12.58
CA SER B 393 17.83 -16.11 -11.86
C SER B 393 19.12 -16.57 -12.54
N LEU B 394 19.08 -17.73 -13.18
CA LEU B 394 20.25 -18.24 -13.90
C LEU B 394 20.54 -17.45 -15.16
N ILE B 395 19.50 -17.01 -15.87
CA ILE B 395 19.68 -16.15 -17.03
C ILE B 395 20.36 -14.84 -16.63
N TRP B 396 19.95 -14.26 -15.50
CA TRP B 396 20.59 -13.04 -15.02
C TRP B 396 22.06 -13.26 -14.69
N SER B 397 22.37 -14.34 -13.96
CA SER B 397 23.75 -14.57 -13.54
C SER B 397 24.63 -14.93 -14.74
N LEU B 398 24.09 -15.67 -15.70
CA LEU B 398 24.84 -15.97 -16.92
C LEU B 398 25.10 -14.71 -17.73
N ALA B 399 24.10 -13.82 -17.80
CA ALA B 399 24.26 -12.56 -18.51
C ALA B 399 25.28 -11.65 -17.83
N ILE B 400 25.29 -11.62 -16.50
CA ILE B 400 26.26 -10.79 -15.78
C ILE B 400 27.69 -11.30 -16.01
N LEU B 401 27.87 -12.63 -16.00
CA LEU B 401 29.20 -13.17 -16.19
C LEU B 401 29.68 -13.00 -17.63
N LEU B 402 28.75 -13.05 -18.59
CA LEU B 402 29.13 -12.90 -20.00
C LEU B 402 29.42 -11.45 -20.34
N LEU B 403 28.60 -10.52 -19.84
CA LEU B 403 28.74 -9.12 -20.19
C LEU B 403 29.94 -8.46 -19.49
N SER B 404 30.29 -8.93 -18.30
CA SER B 404 31.35 -8.30 -17.53
C SER B 404 32.74 -8.72 -17.98
N LYS B 405 32.84 -9.62 -18.95
CA LYS B 405 34.10 -10.10 -19.53
C LYS B 405 34.99 -10.78 -18.50
N LYS B 406 34.41 -11.31 -17.41
CA LYS B 406 35.20 -12.09 -16.47
C LYS B 406 35.26 -13.54 -16.87
N TYR B 407 34.51 -13.95 -17.89
CA TYR B 407 34.56 -15.29 -18.42
C TYR B 407 35.84 -15.57 -19.20
N LYS B 408 36.58 -14.53 -19.59
CA LYS B 408 37.81 -14.74 -20.34
C LYS B 408 38.89 -15.31 -19.45
N GLN B 409 38.74 -15.18 -18.14
CA GLN B 409 39.70 -15.79 -17.23
C GLN B 409 39.45 -17.29 -17.17
N LEU B 410 40.53 -18.06 -17.09
CA LEU B 410 40.41 -19.52 -17.14
C LEU B 410 39.65 -20.13 -15.96
N PRO B 411 39.91 -19.77 -14.69
CA PRO B 411 39.07 -20.32 -13.61
C PRO B 411 37.59 -19.97 -13.75
N HIS B 412 37.28 -18.75 -14.19
CA HIS B 412 35.89 -18.35 -14.34
C HIS B 412 35.28 -18.92 -15.61
N MET B 413 36.12 -19.42 -16.53
CA MET B 413 35.63 -20.03 -17.77
C MET B 413 34.87 -21.32 -17.48
N LEU B 414 35.40 -22.15 -16.58
CA LEU B 414 34.72 -23.40 -16.24
C LEU B 414 33.42 -23.17 -15.47
N THR B 415 33.34 -22.10 -14.68
CA THR B 415 32.06 -21.77 -14.04
C THR B 415 31.01 -21.37 -15.08
N THR B 416 31.41 -20.59 -16.09
CA THR B 416 30.47 -20.23 -17.15
C THR B 416 29.99 -21.45 -17.92
N ASN B 417 30.90 -22.40 -18.19
CA ASN B 417 30.49 -23.65 -18.81
C ASN B 417 29.53 -24.40 -17.90
N LEU B 418 29.79 -24.38 -16.60
CA LEU B 418 28.91 -25.05 -15.65
C LEU B 418 27.53 -24.37 -15.62
N LEU B 419 27.51 -23.04 -15.59
CA LEU B 419 26.28 -22.26 -15.50
C LEU B 419 25.40 -22.33 -16.76
N ILE B 420 25.99 -22.43 -17.95
CA ILE B 420 25.16 -22.62 -19.15
C ILE B 420 24.39 -23.94 -19.07
N ALA B 421 25.05 -25.00 -18.60
CA ALA B 421 24.42 -26.32 -18.46
C ALA B 421 23.27 -26.29 -17.46
N GLN B 422 23.43 -25.55 -16.36
CA GLN B 422 22.35 -25.45 -15.40
C GLN B 422 21.14 -24.69 -15.95
N SER B 423 21.34 -23.72 -16.84
CA SER B 423 20.22 -23.07 -17.50
C SER B 423 19.41 -23.98 -18.43
N ILE B 424 20.10 -24.85 -19.20
CA ILE B 424 19.40 -25.80 -20.08
C ILE B 424 18.61 -26.89 -19.34
N VAL B 425 19.07 -27.33 -18.16
CA VAL B 425 18.29 -28.29 -17.38
C VAL B 425 16.92 -27.73 -17.00
N CYS B 426 16.87 -26.48 -16.52
CA CYS B 426 15.60 -25.89 -16.10
C CYS B 426 14.64 -25.73 -17.28
N ALA B 427 15.15 -25.35 -18.45
CA ALA B 427 14.33 -25.24 -19.65
C ALA B 427 13.81 -26.59 -20.13
N GLY B 428 14.56 -27.65 -19.88
CA GLY B 428 14.11 -29.01 -20.20
C GLY B 428 12.92 -29.46 -19.39
N MET B 429 12.82 -29.02 -18.13
CA MET B 429 11.64 -29.31 -17.32
C MET B 429 10.39 -28.60 -17.87
N MET B 430 10.53 -27.41 -18.43
CA MET B 430 9.39 -26.74 -19.06
C MET B 430 8.80 -27.60 -20.18
N ILE B 431 9.64 -28.25 -20.98
CA ILE B 431 9.16 -29.17 -22.02
C ILE B 431 8.53 -30.42 -21.41
N TRP B 432 9.12 -30.99 -20.35
CA TRP B 432 8.68 -32.31 -19.88
C TRP B 432 7.32 -32.24 -19.22
N ASN B 433 6.96 -31.09 -18.65
CA ASN B 433 5.64 -30.94 -18.02
C ASN B 433 4.58 -30.98 -19.12
N PHE B 434 4.91 -30.54 -20.32
CA PHE B 434 3.92 -30.43 -21.38
C PHE B 434 4.00 -31.57 -22.38
N VAL B 435 5.02 -32.42 -22.28
CA VAL B 435 5.24 -33.51 -23.22
C VAL B 435 5.24 -34.79 -22.38
N LYS B 436 4.06 -35.33 -22.13
CA LYS B 436 3.90 -36.56 -21.35
C LYS B 436 2.98 -37.58 -22.00
N GLU B 437 2.03 -37.12 -22.81
CA GLU B 437 1.11 -38.01 -23.51
C GLU B 437 1.22 -37.87 -25.03
N LYS B 438 2.36 -37.36 -25.51
CA LYS B 438 2.60 -37.20 -26.93
C LYS B 438 3.22 -38.48 -27.49
N ASN B 439 3.76 -38.39 -28.70
CA ASN B 439 4.41 -39.53 -29.33
C ASN B 439 5.62 -39.98 -28.51
N PHE B 440 5.97 -41.27 -28.65
CA PHE B 440 7.10 -41.82 -27.92
C PHE B 440 8.40 -41.13 -28.30
N VAL B 441 8.51 -40.70 -29.56
CA VAL B 441 9.75 -40.08 -30.03
C VAL B 441 9.93 -38.70 -29.40
N GLY B 442 8.85 -37.91 -29.35
CA GLY B 442 8.93 -36.62 -28.68
C GLY B 442 9.18 -36.75 -27.19
N GLN B 443 8.58 -37.77 -26.56
CA GLN B 443 8.85 -38.03 -25.15
C GLN B 443 10.31 -38.44 -24.96
N ILE B 444 10.83 -39.24 -25.90
CA ILE B 444 12.22 -39.68 -25.85
C ILE B 444 13.16 -38.50 -26.06
N LEU B 445 12.81 -37.61 -26.99
CA LEU B 445 13.65 -36.44 -27.25
C LEU B 445 13.70 -35.51 -26.04
N VAL B 446 12.57 -35.31 -25.36
CA VAL B 446 12.59 -34.46 -24.18
C VAL B 446 13.41 -35.11 -23.08
N PHE B 447 13.25 -36.43 -22.90
CA PHE B 447 13.99 -37.19 -21.90
C PHE B 447 15.49 -37.27 -22.17
N VAL B 448 15.91 -37.46 -23.43
CA VAL B 448 17.33 -37.55 -23.74
C VAL B 448 18.06 -36.24 -23.42
N LEU B 449 17.46 -35.11 -23.81
CA LEU B 449 18.09 -33.82 -23.54
C LEU B 449 18.17 -33.53 -22.04
N LEU B 450 17.10 -33.81 -21.31
CA LEU B 450 17.08 -33.50 -19.87
C LEU B 450 18.08 -34.34 -19.10
N TYR B 451 18.14 -35.64 -19.37
CA TYR B 451 19.09 -36.48 -18.64
C TYR B 451 20.52 -36.31 -19.12
N SER B 452 20.72 -35.94 -20.40
CA SER B 452 22.06 -35.57 -20.86
C SER B 452 22.56 -34.35 -20.10
N SER B 453 21.69 -33.36 -19.92
CA SER B 453 22.05 -32.16 -19.18
C SER B 453 22.31 -32.46 -17.72
N LEU B 454 21.54 -33.40 -17.13
CA LEU B 454 21.74 -33.75 -15.72
C LEU B 454 23.10 -34.40 -15.44
N TYR B 455 23.51 -35.38 -16.25
CA TYR B 455 24.83 -35.93 -15.95
C TYR B 455 25.97 -34.94 -16.23
N SER B 456 25.82 -34.08 -17.25
CA SER B 456 26.85 -33.07 -17.50
C SER B 456 26.99 -32.04 -16.39
N THR B 457 25.88 -31.56 -15.81
CA THR B 457 26.02 -30.65 -14.66
C THR B 457 26.68 -31.35 -13.48
N TYR B 458 26.30 -32.61 -13.25
CA TYR B 458 26.88 -33.39 -12.15
C TYR B 458 28.39 -33.51 -12.28
N LEU B 459 28.91 -33.92 -13.44
CA LEU B 459 30.36 -34.07 -13.54
C LEU B 459 31.08 -32.76 -13.83
N TRP B 460 30.38 -31.71 -14.28
CA TRP B 460 31.07 -30.44 -14.52
C TRP B 460 31.42 -29.71 -13.23
N THR B 461 30.64 -29.88 -12.17
CA THR B 461 31.06 -29.33 -10.88
C THR B 461 32.37 -29.94 -10.38
N GLY B 462 32.55 -31.26 -10.43
CA GLY B 462 33.79 -31.88 -10.02
C GLY B 462 35.06 -31.68 -10.81
N LEU B 463 34.97 -31.60 -12.15
CA LEU B 463 36.16 -31.34 -12.94
C LEU B 463 36.71 -29.95 -12.70
N LEU B 464 35.82 -28.96 -12.54
CA LEU B 464 36.25 -27.60 -12.22
C LEU B 464 36.92 -27.55 -10.86
N ALA B 465 36.39 -28.27 -9.88
CA ALA B 465 37.05 -28.30 -8.58
C ALA B 465 38.41 -28.97 -8.71
N ILE B 466 38.48 -30.04 -9.50
CA ILE B 466 39.75 -30.73 -9.71
C ILE B 466 40.70 -29.86 -10.52
N SER B 467 40.15 -29.12 -11.51
CA SER B 467 40.97 -28.20 -12.29
C SER B 467 41.46 -27.04 -11.43
N LEU B 468 40.60 -26.54 -10.53
CA LEU B 468 41.03 -25.50 -9.61
C LEU B 468 42.14 -26.01 -8.69
N PHE B 469 42.00 -27.26 -8.22
CA PHE B 469 43.04 -27.85 -7.40
C PHE B 469 44.31 -28.08 -8.22
N LEU B 470 44.15 -28.47 -9.49
CA LEU B 470 45.31 -28.65 -10.35
C LEU B 470 45.95 -27.32 -10.70
N LEU B 471 45.14 -26.28 -10.91
CA LEU B 471 45.69 -24.97 -11.23
C LEU B 471 46.31 -24.29 -10.02
N LYS B 472 45.85 -24.60 -8.81
CA LYS B 472 46.43 -24.01 -7.61
C LYS B 472 47.82 -24.58 -7.35
N LYS B 473 48.12 -25.76 -7.89
CA LYS B 473 49.41 -26.41 -7.69
C LYS B 473 50.26 -26.45 -8.96
N ARG B 474 49.65 -26.33 -10.14
CA ARG B 474 50.39 -26.35 -11.40
C ARG B 474 50.00 -25.15 -12.24
N GLU B 475 50.99 -24.57 -12.93
CA GLU B 475 50.78 -23.40 -13.76
C GLU B 475 50.40 -23.74 -15.19
N ARG B 476 50.27 -25.02 -15.52
CA ARG B 476 49.89 -25.41 -16.87
C ARG B 476 48.46 -25.00 -17.17
N VAL B 477 48.21 -24.62 -18.42
CA VAL B 477 46.87 -24.23 -18.85
C VAL B 477 45.98 -25.46 -18.84
N GLN B 478 44.67 -25.26 -18.65
CA GLN B 478 43.72 -26.36 -18.60
C GLN B 478 43.42 -26.88 -20.01
N ILE B 479 44.45 -27.44 -20.64
CA ILE B 479 44.28 -28.04 -21.96
C ILE B 479 43.48 -29.34 -21.86
N PRO B 480 43.59 -30.13 -20.80
CA PRO B 480 42.73 -31.32 -20.71
C PRO B 480 41.28 -30.97 -20.41
N VAL B 481 41.01 -29.74 -19.98
CA VAL B 481 39.64 -29.30 -19.75
C VAL B 481 38.88 -29.26 -21.06
N GLY B 482 39.57 -28.90 -22.15
CA GLY B 482 38.92 -28.94 -23.45
C GLY B 482 38.58 -30.37 -23.84
N ILE B 483 39.49 -31.31 -23.56
CA ILE B 483 39.21 -32.71 -23.79
C ILE B 483 38.12 -33.17 -22.84
N ILE B 484 38.13 -32.62 -21.62
CA ILE B 484 37.11 -32.91 -20.61
C ILE B 484 35.76 -32.38 -21.05
N ILE B 485 35.72 -31.18 -21.64
CA ILE B 485 34.46 -30.65 -22.13
C ILE B 485 33.97 -31.50 -23.29
N ILE B 486 34.88 -31.98 -24.13
CA ILE B 486 34.50 -32.88 -25.21
C ILE B 486 33.97 -34.17 -24.59
N SER B 487 34.65 -34.64 -23.55
CA SER B 487 34.20 -35.80 -22.80
C SER B 487 32.88 -35.50 -22.10
N GLY B 488 32.77 -34.30 -21.52
CA GLY B 488 31.56 -33.93 -20.81
C GLY B 488 30.38 -33.79 -21.75
N TRP B 489 30.67 -33.52 -23.02
CA TRP B 489 29.62 -33.47 -24.03
C TRP B 489 29.44 -34.84 -24.67
N GLY B 490 30.41 -35.73 -24.47
CA GLY B 490 30.34 -37.04 -25.12
C GLY B 490 29.93 -38.13 -24.16
N ILE B 491 30.44 -38.07 -22.91
CA ILE B 491 30.12 -39.11 -21.93
C ILE B 491 28.65 -39.07 -21.61
N PRO B 492 28.04 -37.91 -21.36
CA PRO B 492 26.57 -37.85 -21.23
C PRO B 492 25.87 -38.27 -22.51
N ALA B 493 26.46 -37.95 -23.66
CA ALA B 493 25.90 -38.39 -24.93
C ALA B 493 26.00 -39.91 -25.06
N LEU B 494 27.08 -40.51 -24.56
CA LEU B 494 27.18 -41.96 -24.57
C LEU B 494 26.13 -42.58 -23.66
N LEU B 495 25.89 -41.95 -22.50
CA LEU B 495 24.82 -42.42 -21.63
C LEU B 495 23.48 -42.23 -22.31
N VAL B 496 23.33 -41.11 -23.00
CA VAL B 496 22.11 -40.80 -23.76
C VAL B 496 21.97 -41.77 -24.92
N GLY B 497 23.10 -42.11 -25.56
CA GLY B 497 23.17 -43.06 -26.66
C GLY B 497 22.85 -44.49 -26.27
N VAL B 498 23.23 -44.91 -25.06
CA VAL B 498 22.88 -46.26 -24.62
C VAL B 498 21.37 -46.40 -24.44
N LEU B 499 20.71 -45.37 -23.93
CA LEU B 499 19.26 -45.40 -23.81
C LEU B 499 18.56 -45.35 -25.15
N LEU B 500 19.15 -44.68 -26.14
CA LEU B 500 18.59 -44.66 -27.49
C LEU B 500 18.80 -46.00 -28.20
N ILE B 501 19.98 -46.61 -28.02
CA ILE B 501 20.34 -47.85 -28.69
C ILE B 501 19.57 -49.02 -28.09
N THR B 502 19.47 -49.06 -26.77
CA THR B 502 18.90 -50.24 -26.11
C THR B 502 17.45 -49.98 -25.75
N GLY B 503 16.56 -50.84 -26.24
CA GLY B 503 15.13 -50.64 -26.02
C GLY B 503 14.67 -51.20 -24.70
N LYS B 504 14.58 -50.32 -23.69
CA LYS B 504 14.12 -50.72 -22.37
C LYS B 504 13.21 -49.66 -21.75
N HIS B 505 12.68 -48.74 -22.53
CA HIS B 505 11.88 -47.65 -21.99
C HIS B 505 10.55 -48.18 -21.45
N ASN B 506 10.19 -47.72 -20.26
CA ASN B 506 8.97 -48.14 -19.59
C ASN B 506 7.96 -47.01 -19.62
N GLY B 507 6.89 -47.19 -20.39
CA GLY B 507 5.85 -46.20 -20.53
C GLY B 507 4.95 -46.02 -19.33
N ASP B 508 4.94 -46.98 -18.40
CA ASP B 508 4.08 -46.89 -17.24
C ASP B 508 4.62 -45.90 -16.21
N SER B 509 5.82 -45.37 -16.45
CA SER B 509 6.40 -44.39 -15.55
C SER B 509 5.68 -43.06 -15.68
N ILE B 510 5.58 -42.33 -14.57
CA ILE B 510 4.98 -41.02 -14.62
C ILE B 510 6.04 -39.93 -14.69
N ASP B 511 6.83 -39.76 -13.63
CA ASP B 511 7.77 -38.63 -13.63
C ASP B 511 9.13 -38.95 -14.26
N SER B 512 10.00 -39.63 -13.51
CA SER B 512 11.37 -39.81 -14.03
C SER B 512 12.13 -41.07 -13.63
N ALA B 513 11.79 -41.73 -12.52
CA ALA B 513 12.64 -42.84 -12.04
C ALA B 513 12.51 -44.09 -12.90
N PHE B 514 11.47 -44.19 -13.73
CA PHE B 514 11.36 -45.39 -14.54
C PHE B 514 11.27 -45.07 -16.03
N PHE B 515 12.05 -44.09 -16.49
CA PHE B 515 11.99 -43.69 -17.89
C PHE B 515 12.48 -44.81 -18.80
N TYR B 516 13.60 -45.43 -18.45
CA TYR B 516 14.09 -46.63 -19.12
C TYR B 516 14.05 -47.83 -18.17
N GLY B 517 13.33 -47.70 -17.06
CA GLY B 517 13.24 -48.77 -16.09
C GLY B 517 14.44 -48.79 -15.16
N LYS B 518 14.85 -50.00 -14.82
CA LYS B 518 16.01 -50.18 -13.95
C LYS B 518 17.31 -49.88 -14.67
N GLU B 519 17.30 -49.90 -15.99
CA GLU B 519 18.50 -49.60 -16.77
C GLU B 519 18.90 -48.14 -16.64
N GLN B 520 17.93 -47.22 -16.59
CA GLN B 520 18.26 -45.81 -16.46
C GLN B 520 18.80 -45.49 -15.07
N MET B 521 18.23 -46.11 -14.04
CA MET B 521 18.72 -45.83 -12.69
C MET B 521 20.09 -46.43 -12.47
N ILE B 522 20.39 -47.55 -13.12
CA ILE B 522 21.73 -48.14 -13.03
C ILE B 522 22.73 -47.26 -13.76
N THR B 523 22.32 -46.68 -14.89
CA THR B 523 23.18 -45.78 -15.66
C THR B 523 23.40 -44.47 -14.91
N THR B 524 22.38 -43.99 -14.22
CA THR B 524 22.52 -42.75 -13.45
C THR B 524 23.40 -42.97 -12.23
N ALA B 525 23.39 -44.18 -11.66
CA ALA B 525 24.23 -44.47 -10.50
C ALA B 525 25.71 -44.52 -10.88
N VAL B 526 26.03 -45.09 -12.05
CA VAL B 526 27.42 -45.17 -12.48
C VAL B 526 27.95 -43.79 -12.82
N THR B 527 27.11 -42.96 -13.42
CA THR B 527 27.51 -41.60 -13.78
C THR B 527 27.69 -40.74 -12.53
N LEU B 528 26.83 -40.94 -11.53
CA LEU B 528 26.89 -40.18 -10.29
C LEU B 528 28.08 -40.58 -9.44
N PHE B 529 28.45 -41.86 -9.46
CA PHE B 529 29.57 -42.34 -8.66
C PHE B 529 30.90 -41.82 -9.19
N CYS B 530 31.03 -41.71 -10.51
CA CYS B 530 32.28 -41.20 -11.09
C CYS B 530 32.44 -39.72 -10.82
N SER B 531 31.34 -38.96 -10.79
CA SER B 531 31.42 -37.53 -10.56
C SER B 531 31.74 -37.22 -9.11
N ILE B 532 31.20 -38.00 -8.18
CA ILE B 532 31.44 -37.80 -6.75
C ILE B 532 32.89 -38.12 -6.40
N LEU B 533 33.48 -39.11 -7.07
CA LEU B 533 34.87 -39.48 -6.82
C LEU B 533 35.82 -38.40 -7.31
N ILE B 534 35.48 -37.74 -8.43
CA ILE B 534 36.32 -36.67 -8.96
C ILE B 534 36.29 -35.46 -8.04
N ALA B 535 35.10 -35.12 -7.52
CA ALA B 535 34.99 -33.97 -6.61
C ALA B 535 35.60 -34.30 -5.26
N GLY B 536 35.49 -35.57 -4.85
CA GLY B 536 36.07 -35.99 -3.58
C GLY B 536 37.59 -35.92 -3.59
N ILE B 537 38.19 -36.22 -4.74
CA ILE B 537 39.64 -36.14 -4.89
C ILE B 537 40.11 -34.69 -4.83
N SER B 538 39.34 -33.76 -5.39
CA SER B 538 39.75 -32.36 -5.38
C SER B 538 39.64 -31.78 -3.98
N LEU B 539 38.66 -32.22 -3.20
CA LEU B 539 38.50 -31.74 -1.83
C LEU B 539 39.61 -32.29 -0.95
N MET B 540 39.99 -33.55 -1.19
CA MET B 540 41.08 -34.18 -0.44
C MET B 540 42.44 -33.63 -0.84
N CYS B 541 42.59 -33.16 -2.08
CA CYS B 541 43.88 -32.60 -2.49
C CYS B 541 44.10 -31.22 -1.85
N MET B 542 43.00 -30.53 -1.50
CA MET B 542 43.14 -29.22 -0.89
C MET B 542 43.68 -29.33 0.54
N ASN B 543 43.24 -30.37 1.25
CA ASN B 543 43.70 -30.59 2.62
C ASN B 543 45.13 -31.10 2.66
N GLN B 544 45.52 -31.91 1.68
CA GLN B 544 46.88 -32.45 1.66
C GLN B 544 47.89 -31.38 1.29
N THR B 545 47.52 -30.45 0.40
CA THR B 545 48.44 -29.40 0.00
C THR B 545 48.63 -28.38 1.12
N ALA B 546 47.58 -28.15 1.91
CA ALA B 546 47.65 -27.21 3.02
C ALA B 546 48.42 -27.82 4.19
N GLN B 654 36.88 -14.38 -5.97
CA GLN B 654 37.60 -15.46 -6.63
C GLN B 654 37.50 -16.75 -5.82
N LEU B 655 38.61 -17.15 -5.19
CA LEU B 655 38.68 -18.45 -4.53
C LEU B 655 37.89 -18.45 -3.23
N THR B 656 37.60 -17.26 -2.70
CA THR B 656 36.84 -17.14 -1.46
C THR B 656 35.41 -17.67 -1.63
N ARG B 657 34.79 -17.38 -2.78
CA ARG B 657 33.43 -17.87 -2.99
C ARG B 657 33.42 -19.12 -3.86
N HIS B 658 34.43 -19.29 -4.72
CA HIS B 658 34.46 -20.42 -5.65
C HIS B 658 34.33 -21.75 -4.90
N VAL B 659 34.98 -21.83 -3.73
CA VAL B 659 35.03 -23.07 -2.97
C VAL B 659 33.65 -23.42 -2.43
N LEU B 660 32.92 -22.41 -1.97
CA LEU B 660 31.61 -22.63 -1.35
C LEU B 660 30.59 -23.08 -2.38
N LEU B 661 30.66 -22.55 -3.61
CA LEU B 661 29.81 -23.06 -4.67
C LEU B 661 30.15 -24.51 -4.99
N CYS B 662 31.44 -24.86 -4.91
CA CYS B 662 31.81 -26.28 -4.95
C CYS B 662 31.38 -26.98 -3.66
N LEU B 663 31.43 -26.27 -2.53
CA LEU B 663 31.08 -26.88 -1.25
C LEU B 663 29.58 -27.14 -1.16
N LEU B 664 28.77 -26.18 -1.62
CA LEU B 664 27.32 -26.32 -1.44
C LEU B 664 26.78 -27.42 -2.34
N LEU B 665 27.49 -27.75 -3.40
CA LEU B 665 27.08 -28.83 -4.28
C LEU B 665 27.39 -30.19 -3.68
N ILE B 666 28.45 -30.27 -2.86
CA ILE B 666 28.87 -31.53 -2.24
C ILE B 666 27.85 -32.07 -1.25
N ILE B 667 27.18 -31.21 -0.50
CA ILE B 667 26.07 -31.68 0.33
C ILE B 667 24.94 -32.19 -0.56
N GLY B 668 24.75 -31.58 -1.72
CA GLY B 668 23.80 -32.07 -2.69
C GLY B 668 24.08 -33.40 -3.38
N LEU B 669 25.32 -33.72 -3.77
CA LEU B 669 25.53 -35.01 -4.43
C LEU B 669 25.44 -36.19 -3.48
N PHE B 670 25.77 -36.01 -2.19
CA PHE B 670 25.61 -37.17 -1.30
C PHE B 670 24.14 -37.52 -1.07
N ALA B 671 23.28 -36.51 -0.96
CA ALA B 671 21.85 -36.78 -0.83
C ALA B 671 21.27 -37.29 -2.13
N ASN B 672 21.88 -36.91 -3.25
CA ASN B 672 21.45 -37.45 -4.55
C ASN B 672 21.81 -38.93 -4.67
N LEU B 673 22.95 -39.34 -4.11
CA LEU B 673 23.41 -40.72 -4.25
C LEU B 673 22.53 -41.67 -3.43
N SER B 674 22.05 -41.20 -2.27
CA SER B 674 21.33 -42.07 -1.34
C SER B 674 19.98 -42.48 -1.90
N SER B 675 19.35 -41.63 -2.70
CA SER B 675 18.04 -41.98 -3.25
C SER B 675 18.19 -43.06 -4.33
N CYS B 676 19.31 -43.06 -5.06
CA CYS B 676 19.57 -44.16 -5.98
C CYS B 676 19.85 -45.46 -5.24
N LEU B 677 20.52 -45.37 -4.09
CA LEU B 677 20.74 -46.55 -3.26
C LEU B 677 19.45 -47.03 -2.61
N TRP B 678 18.53 -46.12 -2.28
CA TRP B 678 17.30 -46.49 -1.62
C TRP B 678 16.39 -47.31 -2.53
N TRP B 679 16.40 -47.02 -3.83
CA TRP B 679 15.48 -47.69 -4.74
C TRP B 679 15.91 -49.13 -5.01
N LEU B 680 17.23 -49.39 -5.07
CA LEU B 680 17.68 -50.73 -5.38
C LEU B 680 17.51 -51.68 -4.19
N PHE B 681 17.81 -51.20 -2.97
CA PHE B 681 17.76 -52.03 -1.77
C PHE B 681 16.36 -52.16 -1.20
N ASN B 682 15.33 -51.83 -1.99
CA ASN B 682 13.96 -51.87 -1.52
C ASN B 682 13.04 -52.30 -2.64
N GLN B 683 12.30 -53.38 -2.40
CA GLN B 683 11.36 -53.92 -3.39
C GLN B 683 10.01 -53.20 -3.36
N GLU B 684 9.44 -53.01 -2.17
CA GLU B 684 8.18 -52.31 -2.03
C GLU B 684 8.44 -50.87 -1.66
N PRO B 685 8.04 -49.90 -2.48
CA PRO B 685 8.34 -48.48 -2.19
C PRO B 685 7.56 -47.99 -0.98
N GLY B 686 8.30 -47.68 0.09
CA GLY B 686 7.70 -47.19 1.31
C GLY B 686 7.49 -45.68 1.29
N ARG B 687 6.99 -45.17 2.41
CA ARG B 687 6.73 -43.74 2.53
C ARG B 687 7.99 -42.92 2.71
N LEU B 688 9.02 -43.48 3.34
CA LEU B 688 10.33 -42.83 3.46
C LEU B 688 11.03 -42.65 2.11
N TYR B 689 10.79 -43.57 1.17
CA TYR B 689 11.30 -43.41 -0.19
C TYR B 689 10.64 -42.23 -0.91
N VAL B 690 9.36 -41.97 -0.64
CA VAL B 690 8.68 -40.84 -1.28
C VAL B 690 9.28 -39.49 -0.86
N GLU B 691 9.54 -39.30 0.44
CA GLU B 691 10.15 -38.04 0.86
C GLU B 691 11.56 -37.87 0.30
N LEU B 692 12.33 -38.96 0.22
CA LEU B 692 13.70 -38.88 -0.28
C LEU B 692 13.75 -38.64 -1.79
N GLN B 693 12.79 -39.17 -2.54
CA GLN B 693 12.72 -38.92 -3.97
C GLN B 693 12.36 -37.47 -4.30
N PHE B 694 11.49 -36.86 -3.49
CA PHE B 694 11.17 -35.45 -3.65
C PHE B 694 12.39 -34.54 -3.44
N PHE B 695 13.19 -34.81 -2.41
CA PHE B 695 14.40 -34.02 -2.17
C PHE B 695 15.44 -34.18 -3.28
N CYS B 696 15.51 -35.35 -3.91
CA CYS B 696 16.38 -35.53 -5.07
C CYS B 696 15.98 -34.59 -6.21
N ALA B 697 14.69 -34.42 -6.42
CA ALA B 697 14.11 -33.54 -7.44
C ALA B 697 14.44 -32.07 -7.23
N VAL B 698 14.38 -31.57 -6.01
CA VAL B 698 14.61 -30.15 -5.72
C VAL B 698 16.07 -29.74 -5.95
N PHE B 699 17.05 -30.51 -5.46
CA PHE B 699 18.44 -30.11 -5.67
C PHE B 699 18.89 -30.50 -7.08
N ASN B 700 18.04 -31.16 -7.85
CA ASN B 700 18.42 -31.44 -9.23
C ASN B 700 17.94 -30.33 -10.16
N PHE B 701 16.79 -29.72 -9.86
CA PHE B 701 16.10 -28.87 -10.82
C PHE B 701 16.03 -27.43 -10.34
N GLY B 702 16.49 -27.16 -9.12
CA GLY B 702 16.62 -25.81 -8.59
C GLY B 702 18.02 -25.51 -8.10
N GLN B 703 18.99 -26.31 -8.56
CA GLN B 703 20.40 -26.13 -8.23
C GLN B 703 20.98 -24.81 -8.74
N GLY B 704 20.41 -24.25 -9.80
CA GLY B 704 20.78 -22.95 -10.33
C GLY B 704 20.52 -21.79 -9.39
N PHE B 705 19.50 -21.90 -8.55
CA PHE B 705 19.19 -20.87 -7.56
C PHE B 705 20.32 -20.68 -6.56
N ILE B 706 20.89 -21.77 -6.05
CA ILE B 706 22.01 -21.67 -5.10
C ILE B 706 23.23 -21.04 -5.78
N SER B 707 23.52 -21.43 -7.02
CA SER B 707 24.65 -20.86 -7.76
C SER B 707 24.49 -19.36 -8.01
N PHE B 708 23.27 -18.91 -8.33
CA PHE B 708 23.04 -17.48 -8.55
C PHE B 708 23.22 -16.66 -7.28
N GLY B 709 22.75 -17.17 -6.15
CA GLY B 709 22.91 -16.45 -4.89
C GLY B 709 24.34 -16.25 -4.45
N ILE B 710 25.23 -17.18 -4.79
CA ILE B 710 26.64 -17.07 -4.40
C ILE B 710 27.41 -16.17 -5.37
N PHE B 711 27.28 -16.37 -6.68
CA PHE B 711 28.16 -15.71 -7.62
C PHE B 711 27.59 -14.44 -8.24
N GLY B 712 26.30 -14.40 -8.55
CA GLY B 712 25.74 -13.32 -9.33
C GLY B 712 25.76 -11.94 -8.69
N LEU B 713 25.46 -11.88 -7.39
CA LEU B 713 25.41 -10.60 -6.68
C LEU B 713 26.78 -10.27 -6.08
N ASP B 714 27.73 -9.93 -6.96
CA ASP B 714 29.04 -9.49 -6.50
C ASP B 714 29.35 -8.07 -6.94
N LYS B 715 29.38 -7.80 -8.25
CA LYS B 715 29.75 -6.49 -8.78
C LYS B 715 29.44 -6.38 -10.26
N HIS B 716 29.95 -5.34 -10.91
CA HIS B 716 29.79 -5.14 -12.34
C HIS B 716 30.89 -4.20 -12.83
N LEU B 717 31.04 -4.13 -14.15
CA LEU B 717 32.04 -3.27 -14.77
C LEU B 717 31.58 -2.80 -16.14
N POV C . 6.59 22.25 13.44
P POV C . 2.68 22.47 12.57
C1 POV C . 2.34 19.94 13.11
C2 POV C . 0.94 19.57 13.59
C3 POV C . 0.59 18.19 13.05
C210 POV C . -9.52 18.60 10.18
C11 POV C . 5.07 23.10 11.70
O11 POV C . 2.64 21.24 13.60
C211 POV C . -9.76 17.11 10.26
C12 POV C . 6.40 22.41 11.99
O12 POV C . 4.01 22.16 11.71
C212 POV C . -10.17 16.59 8.89
C13 POV C . 5.90 21.03 13.91
O13 POV C . 1.51 22.36 11.64
C213 POV C . -11.68 16.50 8.77
C14 POV C . 8.02 22.11 13.72
O14 POV C . 2.93 23.74 13.35
C214 POV C . -12.31 16.08 10.08
C15 POV C . 6.07 23.41 14.16
C215 POV C . -12.40 14.55 10.16
C216 POV C . -13.68 14.12 10.86
C217 POV C . -13.86 12.61 10.77
C218 POV C . -13.89 11.98 12.15
C21 POV C . -0.71 20.28 11.94
O21 POV C . 0.01 20.58 13.17
C22 POV C . -2.20 20.12 11.96
O22 POV C . -0.10 20.20 10.88
C23 POV C . -2.80 20.85 10.77
C24 POV C . -4.32 20.87 10.86
C25 POV C . -4.83 19.68 11.65
C26 POV C . -6.34 19.71 11.78
C27 POV C . -6.88 18.40 12.34
C28 POV C . -8.39 18.40 12.34
C29 POV C . -8.88 19.21 11.16
C31 POV C . 0.21 16.94 15.15
O31 POV C . 1.02 17.22 13.98
C32 POV C . -0.88 15.90 15.08
O32 POV C . 0.42 17.56 16.18
C33 POV C . -2.06 16.33 15.94
C34 POV C . -2.74 17.57 15.38
C35 POV C . -3.27 17.33 13.97
C36 POV C . -4.31 16.23 13.95
C37 POV C . -5.42 16.49 14.95
N POV D . -4.06 43.87 -23.26
P POV D . -3.93 43.01 -18.90
C1 POV D . -2.58 41.09 -17.70
C2 POV D . -2.62 40.65 -16.22
C3 POV D . -1.32 40.02 -15.76
C210 POV D . -12.61 34.98 -19.13
C310 POV D . -8.97 31.58 -18.25
C11 POV D . -2.62 43.40 -21.14
O11 POV D . -3.84 41.63 -18.05
C211 POV D . -13.91 35.32 -18.46
C311 POV D . -9.90 30.60 -17.56
C12 POV D . -2.90 43.15 -22.61
O12 POV D . -3.22 42.45 -20.30
C212 POV D . -15.03 35.54 -19.48
C312 POV D . -11.34 30.73 -18.03
C13 POV D . -3.99 43.77 -24.75
O13 POV D . -5.37 43.26 -19.18
C313 POV D . -12.37 30.26 -17.01
C14 POV D . -5.31 43.18 -22.80
O14 POV D . -3.05 44.07 -18.32
C314 POV D . -13.80 30.35 -17.53
C15 POV D . -4.13 45.29 -22.86
C315 POV D . -14.84 29.91 -16.52
C316 POV D . -15.04 30.91 -15.40
C21 POV D . -4.77 40.11 -15.39
O21 POV D . -3.65 39.70 -15.97
C22 POV D . -5.71 38.95 -15.14
O22 POV D . -5.00 41.25 -15.10
C23 POV D . -6.27 38.33 -16.41
C24 POV D . -7.39 37.34 -16.10
C25 POV D . -8.67 38.02 -15.63
C26 POV D . -9.70 38.18 -16.74
C27 POV D . -10.03 36.87 -17.45
C28 POV D . -11.20 36.98 -18.42
C29 POV D . -11.48 35.69 -19.11
C31 POV D . -0.90 37.70 -15.76
O31 POV D . -1.60 38.71 -15.29
C32 POV D . -1.48 36.39 -15.31
O32 POV D . 0.08 37.84 -16.47
C33 POV D . -2.80 36.03 -15.95
C34 POV D . -2.61 35.61 -17.40
C35 POV D . -3.21 34.25 -17.72
C36 POV D . -4.72 34.23 -17.53
C37 POV D . -5.35 32.87 -17.78
C38 POV D . -6.87 32.93 -17.82
C39 POV D . -7.54 31.57 -17.70
C1 NAG E . -28.63 -0.90 -19.07
C2 NAG E . -29.67 -1.58 -18.20
C3 NAG E . -30.99 -1.69 -18.95
C4 NAG E . -30.81 -2.49 -20.24
C5 NAG E . -29.61 -2.04 -21.08
C6 NAG E . -29.91 -0.90 -22.02
C7 NAG E . -28.44 -3.10 -16.72
C8 NAG E . -28.06 -4.53 -16.46
N2 NAG E . -29.23 -2.89 -17.79
O3 NAG E . -31.49 -0.39 -19.23
O4 NAG E . -30.66 -3.87 -19.92
O5 NAG E . -28.45 -1.66 -20.30
O6 NAG E . -29.78 -1.30 -23.37
O7 NAG E . -28.03 -2.19 -16.02
N POV F . 25.40 2.28 -10.37
P POV F . 25.27 -2.68 -9.93
C1 POV F . 22.74 -3.16 -10.48
C2 POV F . 21.90 -4.19 -11.23
C3 POV F . 20.57 -3.67 -11.73
C210 POV F . 15.04 -13.75 -8.85
C11 POV F . 25.94 -0.15 -9.70
O11 POV F . 24.09 -3.27 -10.87
C211 POV F . 13.78 -13.88 -9.67
C12 POV F . 25.35 1.19 -9.32
O12 POV F . 24.96 -1.07 -10.16
C212 POV F . 12.83 -14.94 -9.11
C13 POV F . 24.41 2.02 -11.45
O13 POV F . 24.93 -3.03 -8.51
C213 POV F . 11.40 -14.76 -9.59
C14 POV F . 25.06 3.56 -9.69
O14 POV F . 26.62 -2.99 -10.48
C214 POV F . 11.14 -15.41 -10.95
C15 POV F . 26.75 2.43 -10.98
C215 POV F . 9.88 -14.89 -11.63
C216 POV F . 9.13 -15.93 -12.44
C217 POV F . 7.81 -15.42 -13.01
C218 POV F . 7.07 -16.47 -13.84
C21 POV F . 20.70 -5.43 -9.52
O21 POV F . 21.65 -5.37 -10.44
C22 POV F . 19.82 -6.64 -9.74
O22 POV F . 20.56 -4.64 -8.62
C23 POV F . 20.21 -7.86 -8.93
C24 POV F . 19.04 -8.83 -8.74
C25 POV F . 18.74 -9.65 -9.98
C26 POV F . 18.06 -10.98 -9.66
C27 POV F . 16.99 -11.36 -10.68
C28 POV F . 16.60 -12.84 -10.63
C29 POV F . 16.22 -13.31 -9.26
C31 POV F . 18.73 -4.48 -12.99
O31 POV F . 19.93 -4.70 -12.47
C32 POV F . 17.96 -5.77 -13.10
O32 POV F . 18.33 -3.39 -13.31
C33 POV F . 16.88 -5.78 -14.17
C34 POV F . 15.78 -6.76 -13.81
C35 POV F . 16.27 -8.16 -13.45
C36 POV F . 15.15 -9.06 -12.96
C37 POV F . 14.05 -9.31 -13.98
N POV G . 34.96 -22.15 27.80
P POV G . 35.10 -21.18 23.66
C1 POV G . 34.99 -19.04 22.13
C2 POV G . 34.31 -18.49 20.87
C3 POV G . 33.83 -17.07 21.00
C210 POV G . 25.74 -26.41 19.20
C310 POV G . 23.16 -22.16 19.43
C11 POV G . 35.11 -20.20 26.09
O11 POV G . 34.45 -20.29 22.47
C211 POV G . 26.46 -27.09 18.07
C311 POV G . 21.78 -22.50 18.88
C12 POV G . 34.49 -20.79 27.34
O12 POV G . 34.34 -20.44 24.94
C212 POV G . 26.34 -28.61 18.15
C312 POV G . 21.60 -23.99 18.69
C13 POV G . 34.51 -22.44 29.19
O13 POV G . 34.56 -22.57 23.53
C313 POV G . 20.16 -24.40 18.37
C14 POV G . 34.35 -23.16 26.88
O14 POV G . 36.57 -20.93 23.77
C314 POV G . 20.00 -25.90 18.11
C15 POV G . 36.44 -22.29 27.71
C315 POV G . 20.28 -26.29 16.67
C316 POV G . 21.62 -26.99 16.48
C21 POV G . 33.27 -20.06 19.42
O21 POV G . 33.18 -19.26 20.48
C22 POV G . 31.92 -20.36 18.85
O22 POV G . 34.31 -20.49 19.00
C23 POV G . 30.85 -20.64 19.89
C24 POV G . 29.61 -21.27 19.26
C25 POV G . 29.82 -22.75 18.94
C26 POV G . 29.51 -23.66 20.13
C27 POV G . 28.03 -23.92 20.33
C28 POV G . 27.71 -25.41 20.43
C29 POV G . 26.26 -25.71 20.19
C31 POV G . 31.82 -16.12 20.22
O31 POV G . 32.41 -17.08 20.92
C32 POV G . 30.39 -15.95 20.68
O32 POV G . 32.35 -15.49 19.34
C33 POV G . 29.57 -17.22 20.76
C34 POV G . 28.25 -16.94 21.48
C35 POV G . 27.01 -17.19 20.64
C36 POV G . 26.62 -18.66 20.56
C37 POV G . 25.26 -18.90 19.94
C38 POV G . 24.91 -20.38 19.85
C39 POV G . 23.50 -20.67 19.38
C1 NAG H . -13.44 -28.64 12.92
C2 NAG H . -14.08 -29.65 11.98
C3 NAG H . -14.36 -30.94 12.73
C4 NAG H . -15.31 -30.69 13.90
C5 NAG H . -14.87 -29.51 14.79
C6 NAG H . -13.87 -29.89 15.86
C7 NAG H . -15.32 -28.23 10.39
C8 NAG H . -16.67 -27.79 9.94
N2 NAG H . -15.30 -29.12 11.41
O3 NAG H . -13.14 -31.52 13.18
O4 NAG H . -16.62 -30.43 13.42
O5 NAG H . -14.32 -28.40 14.06
O6 NAG H . -14.46 -30.74 16.84
O7 NAG H . -14.29 -27.84 9.87
#